data_7KU4
# 
_entry.id   7KU4 
# 
_audit_conform.dict_name       mmcif_pdbx.dic 
_audit_conform.dict_version    5.380 
_audit_conform.dict_location   http://mmcif.pdb.org/dictionaries/ascii/mmcif_pdbx.dic 
# 
loop_
_database_2.database_id 
_database_2.database_code 
_database_2.pdbx_database_accession 
_database_2.pdbx_DOI 
PDB   7KU4         pdb_00007ku4 10.2210/pdb7ku4/pdb 
WWPDB D_1000253050 ?            ?                   
# 
_pdbx_database_status.status_code                     REL 
_pdbx_database_status.status_code_sf                  REL 
_pdbx_database_status.status_code_mr                  ? 
_pdbx_database_status.entry_id                        7KU4 
_pdbx_database_status.recvd_initial_deposition_date   2020-11-24 
_pdbx_database_status.SG_entry                        N 
_pdbx_database_status.deposit_site                    RCSB 
_pdbx_database_status.process_site                    RCSB 
_pdbx_database_status.status_code_cs                  ? 
_pdbx_database_status.status_code_nmr_data            ? 
_pdbx_database_status.methods_development_category    ? 
_pdbx_database_status.pdb_format_compatible           Y 
# 
loop_
_audit_author.name 
_audit_author.pdbx_ordinal 
_audit_author.identifier_ORCID 
'Ogbonna, E.'  1 0000-0002-0762-0603 
'Fang, Z.'     2 0000-0001-8679-6633 
'Wilson, W.D.' 3 0000-0001-5225-5089 
# 
_citation.abstract                  ? 
_citation.abstract_id_CAS           ? 
_citation.book_id_ISBN              ? 
_citation.book_publisher            ? 
_citation.book_publisher_city       ? 
_citation.book_title                ? 
_citation.coordinate_linkage        ? 
_citation.country                   UK 
_citation.database_id_Medline       ? 
_citation.details                   ? 
_citation.id                        primary 
_citation.journal_abbrev            Bioorg.Med.Chem. 
_citation.journal_id_ASTM           BMECEP 
_citation.journal_id_CSD            1200 
_citation.journal_id_ISSN           1464-3391 
_citation.journal_full              ? 
_citation.journal_issue             ? 
_citation.journal_volume            68 
_citation.language                  ? 
_citation.page_first                116861 
_citation.page_last                 116861 
_citation.title                     
;Drug design and DNA structural research inspired by the Neidle laboratory: DNA minor groove binding and transcription factor inhibition by thiophene diamidines.
;
_citation.year                      2022 
_citation.database_id_CSD           ? 
_citation.pdbx_database_id_DOI      10.1016/j.bmc.2022.116861 
_citation.pdbx_database_id_PubMed   35661929 
_citation.unpublished_flag          ? 
# 
loop_
_citation_author.citation_id 
_citation_author.name 
_citation_author.ordinal 
_citation_author.identifier_ORCID 
primary 'Ogbonna, E.N.'    1 ? 
primary 'Paul, A.'         2 ? 
primary 'Ross Terrell, J.' 3 ? 
primary 'Fang, Z.'         4 ? 
primary 'Chen, C.'         5 ? 
primary 'Poon, G.M.K.'     6 ? 
primary 'Boykin, D.W.'     7 ? 
primary 'Wilson, W.D.'     8 ? 
# 
_cell.angle_alpha                  90.000 
_cell.angle_alpha_esd              ? 
_cell.angle_beta                   90.000 
_cell.angle_beta_esd               ? 
_cell.angle_gamma                  90.000 
_cell.angle_gamma_esd              ? 
_cell.entry_id                     7KU4 
_cell.details                      ? 
_cell.formula_units_Z              ? 
_cell.length_a                     25.335 
_cell.length_a_esd                 ? 
_cell.length_b                     40.127 
_cell.length_b_esd                 ? 
_cell.length_c                     65.451 
_cell.length_c_esd                 ? 
_cell.volume                       ? 
_cell.volume_esd                   ? 
_cell.Z_PDB                        8 
_cell.reciprocal_angle_alpha       ? 
_cell.reciprocal_angle_beta        ? 
_cell.reciprocal_angle_gamma       ? 
_cell.reciprocal_angle_alpha_esd   ? 
_cell.reciprocal_angle_beta_esd    ? 
_cell.reciprocal_angle_gamma_esd   ? 
_cell.reciprocal_length_a          ? 
_cell.reciprocal_length_b          ? 
_cell.reciprocal_length_c          ? 
_cell.reciprocal_length_a_esd      ? 
_cell.reciprocal_length_b_esd      ? 
_cell.reciprocal_length_c_esd      ? 
_cell.pdbx_unique_axis             ? 
# 
_symmetry.entry_id                         7KU4 
_symmetry.cell_setting                     ? 
_symmetry.Int_Tables_number                19 
_symmetry.space_group_name_Hall            ? 
_symmetry.space_group_name_H-M             'P 21 21 21' 
_symmetry.pdbx_full_space_group_name_H-M   ? 
# 
loop_
_entity.id 
_entity.type 
_entity.src_method 
_entity.pdbx_description 
_entity.formula_weight 
_entity.pdbx_number_of_molecules 
_entity.pdbx_ec 
_entity.pdbx_mutation 
_entity.pdbx_fragment 
_entity.details 
1 polymer     syn "1:(5'-D(*CP*GP*CP*GP*AP*AP*TP*TP*CP*GP*CP*G)-3')"                                                   3663.392 2  
? ? ? ? 
2 non-polymer syn '2-(5-{4-[AMINO(IMINO)METHYL]PHENYL}-2-THIENYL)-1H-BENZIMIDAZOLE-6- CARBOXIMIDAMIDE DIHYDROCHLORIDE' 360.436  1  
? ? ? ? 
3 non-polymer syn 'MAGNESIUM ION'                                                                                      24.305   1  
? ? ? ? 
4 water       nat water                                                                                                18.015   73 
? ? ? ? 
# 
_entity_poly.entity_id                      1 
_entity_poly.type                           polydeoxyribonucleotide 
_entity_poly.nstd_linkage                   no 
_entity_poly.nstd_monomer                   no 
_entity_poly.pdbx_seq_one_letter_code       '(DC)(DG)(DC)(DG)(DA)(DA)(DT)(DT)(DC)(DG)(DC)(DG)' 
_entity_poly.pdbx_seq_one_letter_code_can   CGCGAATTCGCG 
_entity_poly.pdbx_strand_id                 A,B 
_entity_poly.pdbx_target_identifier         ? 
# 
loop_
_entity_poly_seq.entity_id 
_entity_poly_seq.num 
_entity_poly_seq.mon_id 
_entity_poly_seq.hetero 
1 1  DC n 
1 2  DG n 
1 3  DC n 
1 4  DG n 
1 5  DA n 
1 6  DA n 
1 7  DT n 
1 8  DT n 
1 9  DC n 
1 10 DG n 
1 11 DC n 
1 12 DG n 
# 
_pdbx_entity_src_syn.entity_id              1 
_pdbx_entity_src_syn.pdbx_src_id            1 
_pdbx_entity_src_syn.pdbx_alt_source_flag   sample 
_pdbx_entity_src_syn.pdbx_beg_seq_num       1 
_pdbx_entity_src_syn.pdbx_end_seq_num       12 
_pdbx_entity_src_syn.organism_scientific    'Homo sapiens' 
_pdbx_entity_src_syn.organism_common_name   ? 
_pdbx_entity_src_syn.ncbi_taxonomy_id       9606 
_pdbx_entity_src_syn.details                ? 
# 
_struct_ref.id                         1 
_struct_ref.db_name                    PDB 
_struct_ref.db_code                    7KU4 
_struct_ref.pdbx_db_accession          7KU4 
_struct_ref.pdbx_db_isoform            ? 
_struct_ref.entity_id                  1 
_struct_ref.pdbx_seq_one_letter_code   ? 
_struct_ref.pdbx_align_begin           1 
# 
loop_
_struct_ref_seq.align_id 
_struct_ref_seq.ref_id 
_struct_ref_seq.pdbx_PDB_id_code 
_struct_ref_seq.pdbx_strand_id 
_struct_ref_seq.seq_align_beg 
_struct_ref_seq.pdbx_seq_align_beg_ins_code 
_struct_ref_seq.seq_align_end 
_struct_ref_seq.pdbx_seq_align_end_ins_code 
_struct_ref_seq.pdbx_db_accession 
_struct_ref_seq.db_align_beg 
_struct_ref_seq.pdbx_db_align_beg_ins_code 
_struct_ref_seq.db_align_end 
_struct_ref_seq.pdbx_db_align_end_ins_code 
_struct_ref_seq.pdbx_auth_seq_align_beg 
_struct_ref_seq.pdbx_auth_seq_align_end 
1 1 7KU4 A 1 ? 12 ? 7KU4 1  ? 12 ? 1  12 
2 1 7KU4 B 1 ? 12 ? 7KU4 13 ? 24 ? 13 24 
# 
loop_
_chem_comp.id 
_chem_comp.type 
_chem_comp.mon_nstd_flag 
_chem_comp.name 
_chem_comp.pdbx_synonyms 
_chem_comp.formula 
_chem_comp.formula_weight 
D1B non-polymer   . '2-(5-{4-[AMINO(IMINO)METHYL]PHENYL}-2-THIENYL)-1H-BENZIMIDAZOLE-6- CARBOXIMIDAMIDE DIHYDROCHLORIDE' ? 
'C19 H16 N6 S'    360.436 
DA  'DNA linking' y "2'-DEOXYADENOSINE-5'-MONOPHOSPHATE"                                                                 ? 
'C10 H14 N5 O6 P' 331.222 
DC  'DNA linking' y "2'-DEOXYCYTIDINE-5'-MONOPHOSPHATE"                                                                  ? 
'C9 H14 N3 O7 P'  307.197 
DG  'DNA linking' y "2'-DEOXYGUANOSINE-5'-MONOPHOSPHATE"                                                                 ? 
'C10 H14 N5 O7 P' 347.221 
DT  'DNA linking' y "THYMIDINE-5'-MONOPHOSPHATE"                                                                         ? 
'C10 H15 N2 O8 P' 322.208 
HOH non-polymer   . WATER                                                                                                ? 'H2 O' 
18.015  
MG  non-polymer   . 'MAGNESIUM ION'                                                                                      ? 'Mg 2' 
24.305  
# 
_exptl.absorpt_coefficient_mu     ? 
_exptl.absorpt_correction_T_max   ? 
_exptl.absorpt_correction_T_min   ? 
_exptl.absorpt_correction_type    ? 
_exptl.absorpt_process_details    ? 
_exptl.entry_id                   7KU4 
_exptl.crystals_number            1 
_exptl.details                    ? 
_exptl.method                     'X-RAY DIFFRACTION' 
_exptl.method_details             ? 
# 
_exptl_crystal.colour                      ? 
_exptl_crystal.density_diffrn              ? 
_exptl_crystal.density_Matthews            2.31 
_exptl_crystal.density_method              ? 
_exptl_crystal.density_percent_sol         46.79 
_exptl_crystal.description                 'Rod shaped crystal' 
_exptl_crystal.F_000                       ? 
_exptl_crystal.id                          1 
_exptl_crystal.preparation                 ? 
_exptl_crystal.size_max                    ? 
_exptl_crystal.size_mid                    ? 
_exptl_crystal.size_min                    ? 
_exptl_crystal.size_rad                    ? 
_exptl_crystal.colour_lustre               ? 
_exptl_crystal.colour_modifier             ? 
_exptl_crystal.colour_primary              ? 
_exptl_crystal.density_meas                0.717 
_exptl_crystal.density_meas_esd            ? 
_exptl_crystal.density_meas_gt             ? 
_exptl_crystal.density_meas_lt             ? 
_exptl_crystal.density_meas_temp           ? 
_exptl_crystal.density_meas_temp_esd       ? 
_exptl_crystal.density_meas_temp_gt        ? 
_exptl_crystal.density_meas_temp_lt        ? 
_exptl_crystal.pdbx_crystal_image_url      ? 
_exptl_crystal.pdbx_crystal_image_format   ? 
_exptl_crystal.pdbx_mosaicity              ? 
_exptl_crystal.pdbx_mosaicity_esd          ? 
# 
_exptl_crystal_grow.apparatus       ? 
_exptl_crystal_grow.atmosphere      ? 
_exptl_crystal_grow.crystal_id      1 
_exptl_crystal_grow.details         ? 
_exptl_crystal_grow.method          'VAPOR DIFFUSION, HANGING DROP' 
_exptl_crystal_grow.method_ref      ? 
_exptl_crystal_grow.pH              6.0 
_exptl_crystal_grow.pressure        ? 
_exptl_crystal_grow.pressure_esd    ? 
_exptl_crystal_grow.seeding         ? 
_exptl_crystal_grow.seeding_ref     ? 
_exptl_crystal_grow.temp            298 
_exptl_crystal_grow.temp_details    'Temperature was kept constant' 
_exptl_crystal_grow.temp_esd        ? 
_exptl_crystal_grow.time            ? 
_exptl_crystal_grow.pdbx_details    
;10% MPD, 0.040M Sodium Cacodylate trihydrate, 0.012 Spermine Tetrahydrate, 0.080M Sodium Chloride, 0.020M Magnesium chloride hexahydrate
;
_exptl_crystal_grow.pdbx_pH_range   ? 
# 
_diffrn.ambient_environment              ? 
_diffrn.ambient_temp                     100 
_diffrn.ambient_temp_details             ? 
_diffrn.ambient_temp_esd                 ? 
_diffrn.crystal_id                       1 
_diffrn.crystal_support                  ? 
_diffrn.crystal_treatment                ? 
_diffrn.details                          ? 
_diffrn.id                               1 
_diffrn.ambient_pressure                 ? 
_diffrn.ambient_pressure_esd             ? 
_diffrn.ambient_pressure_gt              ? 
_diffrn.ambient_pressure_lt              ? 
_diffrn.ambient_temp_gt                  ? 
_diffrn.ambient_temp_lt                  ? 
_diffrn.pdbx_serial_crystal_experiment   N 
# 
_diffrn_detector.details                      ? 
_diffrn_detector.detector                     PIXEL 
_diffrn_detector.diffrn_id                    1 
_diffrn_detector.type                         'DECTRIS PILATUS3 S 6M' 
_diffrn_detector.area_resol_mean              ? 
_diffrn_detector.dtime                        ? 
_diffrn_detector.pdbx_frames_total            ? 
_diffrn_detector.pdbx_collection_time_total   ? 
_diffrn_detector.pdbx_collection_date         2020-05-28 
_diffrn_detector.pdbx_frequency               ? 
# 
_diffrn_radiation.collimation                      ? 
_diffrn_radiation.diffrn_id                        1 
_diffrn_radiation.filter_edge                      ? 
_diffrn_radiation.inhomogeneity                    ? 
_diffrn_radiation.monochromator                    'SINGLE CRYSTAL Si (200)' 
_diffrn_radiation.polarisn_norm                    ? 
_diffrn_radiation.polarisn_ratio                   ? 
_diffrn_radiation.probe                            ? 
_diffrn_radiation.type                             ? 
_diffrn_radiation.xray_symbol                      ? 
_diffrn_radiation.wavelength_id                    1 
_diffrn_radiation.pdbx_monochromatic_or_laue_m_l   M 
_diffrn_radiation.pdbx_wavelength_list             ? 
_diffrn_radiation.pdbx_wavelength                  ? 
_diffrn_radiation.pdbx_diffrn_protocol             'SINGLE WAVELENGTH' 
_diffrn_radiation.pdbx_analyzer                    ? 
_diffrn_radiation.pdbx_scattering_type             x-ray 
# 
_diffrn_radiation_wavelength.id           1 
_diffrn_radiation_wavelength.wavelength   1.14 
_diffrn_radiation_wavelength.wt           1.0 
# 
_diffrn_source.current                     ? 
_diffrn_source.details                     ? 
_diffrn_source.diffrn_id                   1 
_diffrn_source.power                       ? 
_diffrn_source.size                        ? 
_diffrn_source.source                      SYNCHROTRON 
_diffrn_source.target                      ? 
_diffrn_source.type                        'ALS BEAMLINE 5.0.1' 
_diffrn_source.voltage                     ? 
_diffrn_source.take-off_angle              ? 
_diffrn_source.pdbx_wavelength_list        1.14 
_diffrn_source.pdbx_wavelength             ? 
_diffrn_source.pdbx_synchrotron_beamline   5.0.1 
_diffrn_source.pdbx_synchrotron_site       ALS 
# 
_reflns.B_iso_Wilson_estimate            ? 
_reflns.entry_id                         7KU4 
_reflns.data_reduction_details           ? 
_reflns.data_reduction_method            ? 
_reflns.d_resolution_high                1.6 
_reflns.d_resolution_low                 50.000 
_reflns.details                          ? 
_reflns.limit_h_max                      ? 
_reflns.limit_h_min                      ? 
_reflns.limit_k_max                      ? 
_reflns.limit_k_min                      ? 
_reflns.limit_l_max                      ? 
_reflns.limit_l_min                      ? 
_reflns.number_all                       ? 
_reflns.number_obs                       9102 
_reflns.observed_criterion               ? 
_reflns.observed_criterion_F_max         ? 
_reflns.observed_criterion_F_min         ? 
_reflns.observed_criterion_I_max         ? 
_reflns.observed_criterion_I_min         ? 
_reflns.observed_criterion_sigma_F       ? 
_reflns.observed_criterion_sigma_I       ? 
_reflns.percent_possible_obs             96.600 
_reflns.R_free_details                   ? 
_reflns.Rmerge_F_all                     ? 
_reflns.Rmerge_F_obs                     ? 
_reflns.Friedel_coverage                 ? 
_reflns.number_gt                        ? 
_reflns.threshold_expression             ? 
_reflns.pdbx_redundancy                  12.200 
_reflns.pdbx_Rmerge_I_obs                0.070 
_reflns.pdbx_Rmerge_I_all                ? 
_reflns.pdbx_Rsym_value                  ? 
_reflns.pdbx_netI_over_av_sigmaI         ? 
_reflns.pdbx_netI_over_sigmaI            12.600 
_reflns.pdbx_res_netI_over_av_sigmaI_2   ? 
_reflns.pdbx_res_netI_over_sigmaI_2      ? 
_reflns.pdbx_chi_squared                 0.981 
_reflns.pdbx_scaling_rejects             ? 
_reflns.pdbx_d_res_high_opt              ? 
_reflns.pdbx_d_res_low_opt               ? 
_reflns.pdbx_d_res_opt_method            ? 
_reflns.phase_calculation_details        ? 
_reflns.pdbx_Rrim_I_all                  0.073 
_reflns.pdbx_Rpim_I_all                  0.021 
_reflns.pdbx_d_opt                       ? 
_reflns.pdbx_number_measured_all         ? 
_reflns.pdbx_diffrn_id                   1 
_reflns.pdbx_ordinal                     1 
_reflns.pdbx_CC_half                     ? 
_reflns.pdbx_CC_star                     ? 
_reflns.pdbx_R_split                     ? 
# 
loop_
_reflns_shell.d_res_high 
_reflns_shell.d_res_low 
_reflns_shell.meanI_over_sigI_all 
_reflns_shell.meanI_over_sigI_obs 
_reflns_shell.number_measured_all 
_reflns_shell.number_measured_obs 
_reflns_shell.number_possible 
_reflns_shell.number_unique_all 
_reflns_shell.number_unique_obs 
_reflns_shell.percent_possible_all 
_reflns_shell.percent_possible_obs 
_reflns_shell.Rmerge_F_all 
_reflns_shell.Rmerge_F_obs 
_reflns_shell.Rmerge_I_all 
_reflns_shell.Rmerge_I_obs 
_reflns_shell.meanI_over_sigI_gt 
_reflns_shell.meanI_over_uI_all 
_reflns_shell.meanI_over_uI_gt 
_reflns_shell.number_measured_gt 
_reflns_shell.number_unique_gt 
_reflns_shell.percent_possible_gt 
_reflns_shell.Rmerge_F_gt 
_reflns_shell.Rmerge_I_gt 
_reflns_shell.pdbx_redundancy 
_reflns_shell.pdbx_Rsym_value 
_reflns_shell.pdbx_chi_squared 
_reflns_shell.pdbx_netI_over_sigmaI_all 
_reflns_shell.pdbx_netI_over_sigmaI_obs 
_reflns_shell.pdbx_Rrim_I_all 
_reflns_shell.pdbx_Rpim_I_all 
_reflns_shell.pdbx_rejects 
_reflns_shell.pdbx_ordinal 
_reflns_shell.pdbx_diffrn_id 
_reflns_shell.pdbx_CC_half 
_reflns_shell.pdbx_CC_star 
_reflns_shell.pdbx_R_split 
1.600 1.630  ? ? ? ? ? ? 430 95.100 ? ? ? ? 0.493 ? ? ? ? ? ? ? ? 12.300 ? 0.983 ? ? 0.515 0.146 ? 1  1 0.980 ? ? 
1.630 1.660  ? ? ? ? ? ? 430 95.300 ? ? ? ? 0.439 ? ? ? ? ? ? ? ? 12.500 ? 1.032 ? ? 0.458 0.129 ? 2  1 0.985 ? ? 
1.660 1.690  ? ? ? ? ? ? 445 94.700 ? ? ? ? 0.365 ? ? ? ? ? ? ? ? 12.300 ? 1.037 ? ? 0.381 0.108 ? 3  1 0.985 ? ? 
1.690 1.720  ? ? ? ? ? ? 426 95.300 ? ? ? ? 0.302 ? ? ? ? ? ? ? ? 12.000 ? 1.071 ? ? 0.316 0.092 ? 4  1 0.988 ? ? 
1.720 1.760  ? ? ? ? ? ? 447 95.900 ? ? ? ? 0.277 ? ? ? ? ? ? ? ? 11.500 ? 1.109 ? ? 0.290 0.084 ? 5  1 0.988 ? ? 
1.760 1.800  ? ? ? ? ? ? 444 96.100 ? ? ? ? 0.261 ? ? ? ? ? ? ? ? 12.600 ? 1.153 ? ? 0.272 0.076 ? 6  1 0.975 ? ? 
1.800 1.850  ? ? ? ? ? ? 443 95.700 ? ? ? ? 0.233 ? ? ? ? ? ? ? ? 12.300 ? 1.173 ? ? 0.243 0.069 ? 7  1 0.985 ? ? 
1.850 1.900  ? ? ? ? ? ? 430 95.800 ? ? ? ? 0.214 ? ? ? ? ? ? ? ? 11.700 ? 1.173 ? ? 0.224 0.066 ? 8  1 0.975 ? ? 
1.900 1.950  ? ? ? ? ? ? 453 96.200 ? ? ? ? 0.195 ? ? ? ? ? ? ? ? 12.600 ? 1.184 ? ? 0.203 0.057 ? 9  1 0.988 ? ? 
1.950 2.020  ? ? ? ? ? ? 452 96.600 ? ? ? ? 0.176 ? ? ? ? ? ? ? ? 12.700 ? 1.180 ? ? 0.184 0.051 ? 10 1 0.980 ? ? 
2.020 2.090  ? ? ? ? ? ? 447 96.500 ? ? ? ? 0.159 ? ? ? ? ? ? ? ? 12.600 ? 1.195 ? ? 0.166 0.047 ? 11 1 0.989 ? ? 
2.090 2.170  ? ? ? ? ? ? 445 96.700 ? ? ? ? 0.147 ? ? ? ? ? ? ? ? 12.400 ? 1.165 ? ? 0.153 0.042 ? 12 1 0.990 ? ? 
2.170 2.270  ? ? ? ? ? ? 460 96.600 ? ? ? ? 0.130 ? ? ? ? ? ? ? ? 12.200 ? 1.139 ? ? 0.136 0.038 ? 13 1 0.985 ? ? 
2.270 2.390  ? ? ? ? ? ? 455 97.400 ? ? ? ? 0.118 ? ? ? ? ? ? ? ? 12.300 ? 1.035 ? ? 0.123 0.034 ? 14 1 0.994 ? ? 
2.390 2.540  ? ? ? ? ? ? 467 96.900 ? ? ? ? 0.108 ? ? ? ? ? ? ? ? 12.400 ? 0.942 ? ? 0.113 0.032 ? 15 1 0.989 ? ? 
2.540 2.740  ? ? ? ? ? ? 457 97.600 ? ? ? ? 0.092 ? ? ? ? ? ? ? ? 12.800 ? 0.846 ? ? 0.095 0.026 ? 16 1 0.997 ? ? 
2.740 3.010  ? ? ? ? ? ? 462 97.900 ? ? ? ? 0.079 ? ? ? ? ? ? ? ? 12.200 ? 0.750 ? ? 0.083 0.024 ? 17 1 0.997 ? ? 
3.010 3.450  ? ? ? ? ? ? 481 98.200 ? ? ? ? 0.068 ? ? ? ? ? ? ? ? 11.800 ? 0.598 ? ? 0.072 0.022 ? 18 1 0.997 ? ? 
3.450 4.340  ? ? ? ? ? ? 498 98.600 ? ? ? ? 0.062 ? ? ? ? ? ? ? ? 12.100 ? 0.495 ? ? 0.065 0.019 ? 19 1 0.997 ? ? 
4.340 50.000 ? ? ? ? ? ? 530 97.400 ? ? ? ? 0.052 ? ? ? ? ? ? ? ? 11.100 ? 0.469 ? ? 0.055 0.016 ? 20 1 0.999 ? ? 
# 
_refine.aniso_B[1][1]                            -0.0100 
_refine.aniso_B[1][2]                            -0.0000 
_refine.aniso_B[1][3]                            0.0000 
_refine.aniso_B[2][2]                            0.0100 
_refine.aniso_B[2][3]                            -0.0000 
_refine.aniso_B[3][3]                            -0.0000 
_refine.B_iso_max                                33.980 
_refine.B_iso_mean                               12.1190 
_refine.B_iso_min                                4.920 
_refine.correlation_coeff_Fo_to_Fc               0.9430 
_refine.correlation_coeff_Fo_to_Fc_free          0.9300 
_refine.details                                  
'HYDROGENS HAVE BEEN ADDED IN THE RIDING POSITIONS U VALUES      : REFINED INDIVIDUALLY' 
_refine.diff_density_max                         ? 
_refine.diff_density_max_esd                     ? 
_refine.diff_density_min                         ? 
_refine.diff_density_min_esd                     ? 
_refine.diff_density_rms                         ? 
_refine.diff_density_rms_esd                     ? 
_refine.entry_id                                 7KU4 
_refine.pdbx_refine_id                           'X-RAY DIFFRACTION' 
_refine.ls_abs_structure_details                 ? 
_refine.ls_abs_structure_Flack                   ? 
_refine.ls_abs_structure_Flack_esd               ? 
_refine.ls_abs_structure_Rogers                  ? 
_refine.ls_abs_structure_Rogers_esd              ? 
_refine.ls_d_res_high                            1.600 
_refine.ls_d_res_low                             34.2100 
_refine.ls_extinction_coef                       ? 
_refine.ls_extinction_coef_esd                   ? 
_refine.ls_extinction_expression                 ? 
_refine.ls_extinction_method                     ? 
_refine.ls_goodness_of_fit_all                   ? 
_refine.ls_goodness_of_fit_all_esd               ? 
_refine.ls_goodness_of_fit_obs                   ? 
_refine.ls_goodness_of_fit_obs_esd               ? 
_refine.ls_hydrogen_treatment                    ? 
_refine.ls_matrix_type                           ? 
_refine.ls_number_constraints                    ? 
_refine.ls_number_parameters                     ? 
_refine.ls_number_reflns_all                     ? 
_refine.ls_number_reflns_obs                     8046 
_refine.ls_number_reflns_R_free                  446 
_refine.ls_number_reflns_R_work                  ? 
_refine.ls_number_restraints                     ? 
_refine.ls_percent_reflns_obs                    90.5000 
_refine.ls_percent_reflns_R_free                 5.3000 
_refine.ls_R_factor_all                          ? 
_refine.ls_R_factor_obs                          0.2176 
_refine.ls_R_factor_R_free                       0.2308 
_refine.ls_R_factor_R_free_error                 ? 
_refine.ls_R_factor_R_free_error_details         ? 
_refine.ls_R_factor_R_work                       0.2168 
_refine.ls_R_Fsqd_factor_obs                     ? 
_refine.ls_R_I_factor_obs                        ? 
_refine.ls_redundancy_reflns_all                 ? 
_refine.ls_redundancy_reflns_obs                 ? 
_refine.ls_restrained_S_all                      ? 
_refine.ls_restrained_S_obs                      ? 
_refine.ls_shift_over_esd_max                    ? 
_refine.ls_shift_over_esd_mean                   ? 
_refine.ls_structure_factor_coef                 ? 
_refine.ls_weighting_details                     ? 
_refine.ls_weighting_scheme                      ? 
_refine.ls_wR_factor_all                         ? 
_refine.ls_wR_factor_obs                         ? 
_refine.ls_wR_factor_R_free                      ? 
_refine.ls_wR_factor_R_work                      ? 
_refine.occupancy_max                            ? 
_refine.occupancy_min                            ? 
_refine.solvent_model_details                    MASK 
_refine.solvent_model_param_bsol                 ? 
_refine.solvent_model_param_ksol                 ? 
_refine.pdbx_R_complete                          ? 
_refine.ls_R_factor_gt                           ? 
_refine.ls_goodness_of_fit_gt                    ? 
_refine.ls_goodness_of_fit_ref                   ? 
_refine.ls_shift_over_su_max                     ? 
_refine.ls_shift_over_su_max_lt                  ? 
_refine.ls_shift_over_su_mean                    ? 
_refine.ls_shift_over_su_mean_lt                 ? 
_refine.pdbx_ls_sigma_I                          ? 
_refine.pdbx_ls_sigma_F                          0.000 
_refine.pdbx_ls_sigma_Fsqd                       ? 
_refine.pdbx_data_cutoff_high_absF               ? 
_refine.pdbx_data_cutoff_high_rms_absF           ? 
_refine.pdbx_data_cutoff_low_absF                ? 
_refine.pdbx_isotropic_thermal_model             ? 
_refine.pdbx_ls_cross_valid_method               THROUGHOUT 
_refine.pdbx_method_to_determine_struct          'MOLECULAR REPLACEMENT' 
_refine.pdbx_starting_model                      1BNA 
_refine.pdbx_stereochemistry_target_values       'MAXIMUM LIKELIHOOD' 
_refine.pdbx_R_Free_selection_details            RANDOM 
_refine.pdbx_stereochem_target_val_spec_case     ? 
_refine.pdbx_overall_ESU_R                       0.1170 
_refine.pdbx_overall_ESU_R_Free                  0.1050 
_refine.pdbx_solvent_vdw_probe_radii             1.2000 
_refine.pdbx_solvent_ion_probe_radii             0.8000 
_refine.pdbx_solvent_shrinkage_radii             0.8000 
_refine.pdbx_real_space_R                        ? 
_refine.pdbx_density_correlation                 ? 
_refine.pdbx_pd_number_of_powder_patterns        ? 
_refine.pdbx_pd_number_of_points                 ? 
_refine.pdbx_pd_meas_number_of_points            ? 
_refine.pdbx_pd_proc_ls_prof_R_factor            ? 
_refine.pdbx_pd_proc_ls_prof_wR_factor           ? 
_refine.pdbx_pd_Marquardt_correlation_coeff      ? 
_refine.pdbx_pd_Fsqrd_R_factor                   ? 
_refine.pdbx_pd_ls_matrix_band_width             ? 
_refine.pdbx_overall_phase_error                 ? 
_refine.pdbx_overall_SU_R_free_Cruickshank_DPI   ? 
_refine.pdbx_overall_SU_R_free_Blow_DPI          ? 
_refine.pdbx_overall_SU_R_Blow_DPI               ? 
_refine.pdbx_TLS_residual_ADP_flag               ? 
_refine.pdbx_diffrn_id                           1 
_refine.overall_SU_B                             1.7500 
_refine.overall_SU_ML                            0.0630 
_refine.overall_SU_R_Cruickshank_DPI             ? 
_refine.overall_SU_R_free                        ? 
_refine.overall_FOM_free_R_set                   ? 
_refine.overall_FOM_work_R_set                   ? 
_refine.pdbx_average_fsc_overall                 ? 
_refine.pdbx_average_fsc_work                    ? 
_refine.pdbx_average_fsc_free                    ? 
# 
_refine_hist.pdbx_refine_id                   'X-RAY DIFFRACTION' 
_refine_hist.cycle_id                         final 
_refine_hist.details                          ? 
_refine_hist.d_res_high                       1.600 
_refine_hist.d_res_low                        34.2100 
_refine_hist.number_atoms_solvent             73 
_refine_hist.number_atoms_total               586 
_refine_hist.number_reflns_all                ? 
_refine_hist.number_reflns_obs                ? 
_refine_hist.number_reflns_R_free             ? 
_refine_hist.number_reflns_R_work             ? 
_refine_hist.R_factor_all                     ? 
_refine_hist.R_factor_obs                     ? 
_refine_hist.R_factor_R_free                  ? 
_refine_hist.R_factor_R_work                  ? 
_refine_hist.pdbx_number_residues_total       24 
_refine_hist.pdbx_B_iso_mean_ligand           19.61 
_refine_hist.pdbx_B_iso_mean_solvent          20.73 
_refine_hist.pdbx_number_atoms_protein        0 
_refine_hist.pdbx_number_atoms_nucleic_acid   486 
_refine_hist.pdbx_number_atoms_ligand         27 
_refine_hist.pdbx_number_atoms_lipid          ? 
_refine_hist.pdbx_number_atoms_carb           ? 
_refine_hist.pdbx_pseudo_atom_details         ? 
# 
loop_
_refine_ls_restr.pdbx_refine_id 
_refine_ls_restr.criterion 
_refine_ls_restr.dev_ideal 
_refine_ls_restr.dev_ideal_target 
_refine_ls_restr.number 
_refine_ls_restr.rejects 
_refine_ls_restr.type 
_refine_ls_restr.weight 
_refine_ls_restr.pdbx_restraint_function 
'X-RAY DIFFRACTION' ? 0.014 0.011 573 ? r_bond_refined_d     ? ? 
'X-RAY DIFFRACTION' ? 0.003 0.020 288 ? r_bond_other_d       ? ? 
'X-RAY DIFFRACTION' ? 2.057 1.251 878 ? r_angle_refined_deg  ? ? 
'X-RAY DIFFRACTION' ? 1.668 3.030 670 ? r_angle_other_deg    ? ? 
'X-RAY DIFFRACTION' ? 0.072 0.200 72  ? r_chiral_restr       ? ? 
'X-RAY DIFFRACTION' ? 0.031 0.020 326 ? r_gen_planes_refined ? ? 
'X-RAY DIFFRACTION' ? 0.005 0.021 146 ? r_gen_planes_other   ? ? 
# 
_refine_ls_shell.pdbx_refine_id                   'X-RAY DIFFRACTION' 
_refine_ls_shell.d_res_high                       1.6 
_refine_ls_shell.d_res_low                        1.6360 
_refine_ls_shell.number_reflns_all                360 
_refine_ls_shell.number_reflns_obs                ? 
_refine_ls_shell.number_reflns_R_free             21 
_refine_ls_shell.number_reflns_R_work             339 
_refine_ls_shell.percent_reflns_obs               54.0500 
_refine_ls_shell.percent_reflns_R_free            ? 
_refine_ls_shell.R_factor_all                     ? 
_refine_ls_shell.R_factor_obs                     ? 
_refine_ls_shell.R_factor_R_free                  0.1230 
_refine_ls_shell.R_factor_R_free_error            0.0000 
_refine_ls_shell.R_factor_R_work                  0.1920 
_refine_ls_shell.redundancy_reflns_all            ? 
_refine_ls_shell.redundancy_reflns_obs            ? 
_refine_ls_shell.wR_factor_all                    ? 
_refine_ls_shell.wR_factor_obs                    ? 
_refine_ls_shell.wR_factor_R_free                 ? 
_refine_ls_shell.wR_factor_R_work                 ? 
_refine_ls_shell.pdbx_R_complete                  ? 
_refine_ls_shell.pdbx_total_number_of_bins_used   20 
_refine_ls_shell.pdbx_phase_error                 ? 
_refine_ls_shell.pdbx_fsc_work                    ? 
_refine_ls_shell.pdbx_fsc_free                    ? 
# 
_struct.entry_id                     7KU4 
_struct.title                        
;DNA-DB818 complex: The DNA sequence 5'-CGCGAATTCGCG-3' presents a binding site for the heterocyclic small molecule (DB818).
;
_struct.pdbx_model_details           ? 
_struct.pdbx_formula_weight          ? 
_struct.pdbx_formula_weight_method   ? 
_struct.pdbx_model_type_details      ? 
_struct.pdbx_CASP_flag               N 
# 
_struct_keywords.entry_id        7KU4 
_struct_keywords.text            'DNA-molecule complex, DNA' 
_struct_keywords.pdbx_keywords   DNA 
# 
loop_
_struct_asym.id 
_struct_asym.pdbx_blank_PDB_chainid_flag 
_struct_asym.pdbx_modified 
_struct_asym.entity_id 
_struct_asym.details 
A N N 1 ? 
B N N 1 ? 
C N N 2 ? 
D N N 3 ? 
E N N 4 ? 
F N N 4 ? 
# 
loop_
_struct_conn.id 
_struct_conn.conn_type_id 
_struct_conn.pdbx_leaving_atom_flag 
_struct_conn.pdbx_PDB_id 
_struct_conn.ptnr1_label_asym_id 
_struct_conn.ptnr1_label_comp_id 
_struct_conn.ptnr1_label_seq_id 
_struct_conn.ptnr1_label_atom_id 
_struct_conn.pdbx_ptnr1_label_alt_id 
_struct_conn.pdbx_ptnr1_PDB_ins_code 
_struct_conn.pdbx_ptnr1_standard_comp_id 
_struct_conn.ptnr1_symmetry 
_struct_conn.ptnr2_label_asym_id 
_struct_conn.ptnr2_label_comp_id 
_struct_conn.ptnr2_label_seq_id 
_struct_conn.ptnr2_label_atom_id 
_struct_conn.pdbx_ptnr2_label_alt_id 
_struct_conn.pdbx_ptnr2_PDB_ins_code 
_struct_conn.ptnr1_auth_asym_id 
_struct_conn.ptnr1_auth_comp_id 
_struct_conn.ptnr1_auth_seq_id 
_struct_conn.ptnr2_auth_asym_id 
_struct_conn.ptnr2_auth_comp_id 
_struct_conn.ptnr2_auth_seq_id 
_struct_conn.ptnr2_symmetry 
_struct_conn.pdbx_ptnr3_label_atom_id 
_struct_conn.pdbx_ptnr3_label_seq_id 
_struct_conn.pdbx_ptnr3_label_comp_id 
_struct_conn.pdbx_ptnr3_label_asym_id 
_struct_conn.pdbx_ptnr3_label_alt_id 
_struct_conn.pdbx_ptnr3_PDB_ins_code 
_struct_conn.details 
_struct_conn.pdbx_dist_value 
_struct_conn.pdbx_value_order 
_struct_conn.pdbx_role 
metalc1  metalc ? ? D MG .  MG ? ? ? 1_555 E HOH .  O  ? ? A MG 102 A HOH 212 1_555 ? ? ? ? ? ? ?            2.083 ? ? 
metalc2  metalc ? ? D MG .  MG ? ? ? 1_555 E HOH .  O  ? ? A MG 102 A HOH 214 3_645 ? ? ? ? ? ? ?            1.983 ? ? 
metalc3  metalc ? ? D MG .  MG ? ? ? 1_555 E HOH .  O  ? ? A MG 102 A HOH 216 1_555 ? ? ? ? ? ? ?            2.093 ? ? 
metalc4  metalc ? ? D MG .  MG ? ? ? 1_555 E HOH .  O  ? ? A MG 102 A HOH 217 3_645 ? ? ? ? ? ? ?            2.100 ? ? 
metalc5  metalc ? ? D MG .  MG ? ? ? 1_555 E HOH .  O  ? ? A MG 102 A HOH 225 1_555 ? ? ? ? ? ? ?            2.092 ? ? 
metalc6  metalc ? ? D MG .  MG ? ? ? 1_555 F HOH .  O  ? ? A MG 102 B HOH 116 3_645 ? ? ? ? ? ? ?            2.102 ? ? 
hydrog1  hydrog ? ? A DC 1  N3 ? ? ? 1_555 B DG  12 N1 ? ? A DC 1   B DG  24  1_555 ? ? ? ? ? ? WATSON-CRICK ?     ? ? 
hydrog2  hydrog ? ? A DC 1  N4 ? ? ? 1_555 B DG  12 O6 ? ? A DC 1   B DG  24  1_555 ? ? ? ? ? ? WATSON-CRICK ?     ? ? 
hydrog3  hydrog ? ? A DC 1  O2 ? ? ? 1_555 B DG  12 N2 ? ? A DC 1   B DG  24  1_555 ? ? ? ? ? ? WATSON-CRICK ?     ? ? 
hydrog4  hydrog ? ? A DG 2  N1 ? ? ? 1_555 B DC  11 N3 ? ? A DG 2   B DC  23  1_555 ? ? ? ? ? ? WATSON-CRICK ?     ? ? 
hydrog5  hydrog ? ? A DG 2  N2 ? ? ? 1_555 B DC  11 O2 ? ? A DG 2   B DC  23  1_555 ? ? ? ? ? ? WATSON-CRICK ?     ? ? 
hydrog6  hydrog ? ? A DG 2  O6 ? ? ? 1_555 B DC  11 N4 ? ? A DG 2   B DC  23  1_555 ? ? ? ? ? ? WATSON-CRICK ?     ? ? 
hydrog7  hydrog ? ? A DC 3  N3 ? ? ? 1_555 B DG  10 N1 ? ? A DC 3   B DG  22  1_555 ? ? ? ? ? ? WATSON-CRICK ?     ? ? 
hydrog8  hydrog ? ? A DC 3  N4 ? ? ? 1_555 B DG  10 O6 ? ? A DC 3   B DG  22  1_555 ? ? ? ? ? ? WATSON-CRICK ?     ? ? 
hydrog9  hydrog ? ? A DC 3  O2 ? ? ? 1_555 B DG  10 N2 ? ? A DC 3   B DG  22  1_555 ? ? ? ? ? ? WATSON-CRICK ?     ? ? 
hydrog10 hydrog ? ? A DG 4  N1 ? ? ? 1_555 B DC  9  N3 ? ? A DG 4   B DC  21  1_555 ? ? ? ? ? ? WATSON-CRICK ?     ? ? 
hydrog11 hydrog ? ? A DG 4  N2 ? ? ? 1_555 B DC  9  O2 ? ? A DG 4   B DC  21  1_555 ? ? ? ? ? ? WATSON-CRICK ?     ? ? 
hydrog12 hydrog ? ? A DG 4  O6 ? ? ? 1_555 B DC  9  N4 ? ? A DG 4   B DC  21  1_555 ? ? ? ? ? ? WATSON-CRICK ?     ? ? 
hydrog13 hydrog ? ? A DA 5  N1 ? ? ? 1_555 B DT  8  N3 ? ? A DA 5   B DT  20  1_555 ? ? ? ? ? ? WATSON-CRICK ?     ? ? 
hydrog14 hydrog ? ? A DA 5  N6 ? ? ? 1_555 B DT  8  O4 ? ? A DA 5   B DT  20  1_555 ? ? ? ? ? ? WATSON-CRICK ?     ? ? 
hydrog15 hydrog ? ? A DA 6  N1 ? ? ? 1_555 B DT  7  N3 ? ? A DA 6   B DT  19  1_555 ? ? ? ? ? ? WATSON-CRICK ?     ? ? 
hydrog16 hydrog ? ? A DA 6  N6 ? ? ? 1_555 B DT  7  O4 ? ? A DA 6   B DT  19  1_555 ? ? ? ? ? ? WATSON-CRICK ?     ? ? 
hydrog17 hydrog ? ? A DT 7  N3 ? ? ? 1_555 B DA  6  N1 ? ? A DT 7   B DA  18  1_555 ? ? ? ? ? ? WATSON-CRICK ?     ? ? 
hydrog18 hydrog ? ? A DT 7  O4 ? ? ? 1_555 B DA  6  N6 ? ? A DT 7   B DA  18  1_555 ? ? ? ? ? ? WATSON-CRICK ?     ? ? 
hydrog19 hydrog ? ? A DT 8  N3 ? ? ? 1_555 B DA  5  N1 ? ? A DT 8   B DA  17  1_555 ? ? ? ? ? ? WATSON-CRICK ?     ? ? 
hydrog20 hydrog ? ? A DT 8  O4 ? ? ? 1_555 B DA  5  N6 ? ? A DT 8   B DA  17  1_555 ? ? ? ? ? ? WATSON-CRICK ?     ? ? 
hydrog21 hydrog ? ? A DC 9  N3 ? ? ? 1_555 B DG  4  N1 ? ? A DC 9   B DG  16  1_555 ? ? ? ? ? ? WATSON-CRICK ?     ? ? 
hydrog22 hydrog ? ? A DC 9  N4 ? ? ? 1_555 B DG  4  O6 ? ? A DC 9   B DG  16  1_555 ? ? ? ? ? ? WATSON-CRICK ?     ? ? 
hydrog23 hydrog ? ? A DC 9  O2 ? ? ? 1_555 B DG  4  N2 ? ? A DC 9   B DG  16  1_555 ? ? ? ? ? ? WATSON-CRICK ?     ? ? 
hydrog24 hydrog ? ? A DG 10 N1 ? ? ? 1_555 B DC  3  N3 ? ? A DG 10  B DC  15  1_555 ? ? ? ? ? ? WATSON-CRICK ?     ? ? 
hydrog25 hydrog ? ? A DG 10 N2 ? ? ? 1_555 B DC  3  O2 ? ? A DG 10  B DC  15  1_555 ? ? ? ? ? ? WATSON-CRICK ?     ? ? 
hydrog26 hydrog ? ? A DG 10 O6 ? ? ? 1_555 B DC  3  N4 ? ? A DG 10  B DC  15  1_555 ? ? ? ? ? ? WATSON-CRICK ?     ? ? 
hydrog27 hydrog ? ? A DC 11 N3 ? ? ? 1_555 B DG  2  N1 ? ? A DC 11  B DG  14  1_555 ? ? ? ? ? ? WATSON-CRICK ?     ? ? 
hydrog28 hydrog ? ? A DC 11 N4 ? ? ? 1_555 B DG  2  O6 ? ? A DC 11  B DG  14  1_555 ? ? ? ? ? ? WATSON-CRICK ?     ? ? 
hydrog29 hydrog ? ? A DC 11 O2 ? ? ? 1_555 B DG  2  N2 ? ? A DC 11  B DG  14  1_555 ? ? ? ? ? ? WATSON-CRICK ?     ? ? 
hydrog30 hydrog ? ? A DG 12 N1 ? ? ? 1_555 B DC  1  N3 ? ? A DG 12  B DC  13  1_555 ? ? ? ? ? ? WATSON-CRICK ?     ? ? 
hydrog31 hydrog ? ? A DG 12 N2 ? ? ? 1_555 B DC  1  O2 ? ? A DG 12  B DC  13  1_555 ? ? ? ? ? ? WATSON-CRICK ?     ? ? 
hydrog32 hydrog ? ? A DG 12 O6 ? ? ? 1_555 B DC  1  N4 ? ? A DG 12  B DC  13  1_555 ? ? ? ? ? ? WATSON-CRICK ?     ? ? 
# 
loop_
_struct_conn_type.id 
_struct_conn_type.criteria 
_struct_conn_type.reference 
metalc ? ? 
hydrog ? ? 
# 
_atom_sites.entry_id                    7KU4 
_atom_sites.Cartn_transf_matrix[1][1]   ? 
_atom_sites.Cartn_transf_matrix[1][2]   ? 
_atom_sites.Cartn_transf_matrix[1][3]   ? 
_atom_sites.Cartn_transf_matrix[2][1]   ? 
_atom_sites.Cartn_transf_matrix[2][2]   ? 
_atom_sites.Cartn_transf_matrix[2][3]   ? 
_atom_sites.Cartn_transf_matrix[3][1]   ? 
_atom_sites.Cartn_transf_matrix[3][2]   ? 
_atom_sites.Cartn_transf_matrix[3][3]   ? 
_atom_sites.Cartn_transf_vector[1]      ? 
_atom_sites.Cartn_transf_vector[2]      ? 
_atom_sites.Cartn_transf_vector[3]      ? 
_atom_sites.fract_transf_matrix[1][1]   0.01337407 
_atom_sites.fract_transf_matrix[1][2]   0.01957829 
_atom_sites.fract_transf_matrix[1][3]   -0.03155606 
_atom_sites.fract_transf_matrix[2][1]   0.00795586 
_atom_sites.fract_transf_matrix[2][2]   0.01840949 
_atom_sites.fract_transf_matrix[2][3]   0.01479362 
_atom_sites.fract_transf_matrix[3][1]   0.01352236 
_atom_sites.fract_transf_matrix[3][2]   -0.00697280 
_atom_sites.fract_transf_matrix[3][3]   0.00140491 
_atom_sites.fract_transf_vector[1]      0.580308 
_atom_sites.fract_transf_vector[2]      0.520120 
_atom_sites.fract_transf_vector[3]      0.134779 
_atom_sites.solution_primary            ? 
_atom_sites.solution_secondary          ? 
_atom_sites.solution_hydrogens          ? 
_atom_sites.special_details             ? 
# 
loop_
_atom_type.symbol 
C  
MG 
N  
O  
P  
S  
# 
loop_
_atom_site.group_PDB 
_atom_site.id 
_atom_site.type_symbol 
_atom_site.label_atom_id 
_atom_site.label_alt_id 
_atom_site.label_comp_id 
_atom_site.label_asym_id 
_atom_site.label_entity_id 
_atom_site.label_seq_id 
_atom_site.pdbx_PDB_ins_code 
_atom_site.Cartn_x 
_atom_site.Cartn_y 
_atom_site.Cartn_z 
_atom_site.occupancy 
_atom_site.B_iso_or_equiv 
_atom_site.pdbx_formal_charge 
_atom_site.auth_seq_id 
_atom_site.auth_comp_id 
_atom_site.auth_asym_id 
_atom_site.auth_atom_id 
_atom_site.pdbx_PDB_model_num 
ATOM   1   O  "O5'" . DC  A 1 1  ? 19.325  6.322   5.085   1.00 12.34 ? 1   DC  A "O5'" 1 
ATOM   2   C  "C5'" . DC  A 1 1  ? 18.873  4.977   4.994   1.00 10.93 ? 1   DC  A "C5'" 1 
ATOM   3   C  "C4'" . DC  A 1 1  ? 18.850  4.588   3.536   1.00 10.94 ? 1   DC  A "C4'" 1 
ATOM   4   O  "O4'" . DC  A 1 1  ? 18.823  3.155   3.500   1.00 8.98  ? 1   DC  A "O4'" 1 
ATOM   5   C  "C3'" . DC  A 1 1  ? 17.634  5.049   2.741   1.00 11.76 ? 1   DC  A "C3'" 1 
ATOM   6   O  "O3'" . DC  A 1 1  ? 18.018  5.348   1.383   1.00 14.21 ? 1   DC  A "O3'" 1 
ATOM   7   C  "C2'" . DC  A 1 1  ? 16.696  3.874   2.854   1.00 10.14 ? 1   DC  A "C2'" 1 
ATOM   8   C  "C1'" . DC  A 1 1  ? 17.692  2.725   2.793   1.00 9.05  ? 1   DC  A "C1'" 1 
ATOM   9   N  N1    . DC  A 1 1  ? 17.288  1.475   3.399   1.00 7.37  ? 1   DC  A N1    1 
ATOM   10  C  C2    . DC  A 1 1  ? 17.525  0.288   2.703   1.00 7.55  ? 1   DC  A C2    1 
ATOM   11  O  O2    . DC  A 1 1  ? 17.944  0.358   1.547   1.00 7.49  ? 1   DC  A O2    1 
ATOM   12  N  N3    . DC  A 1 1  ? 17.213  -0.887  3.279   1.00 7.23  ? 1   DC  A N3    1 
ATOM   13  C  C4    . DC  A 1 1  ? 16.734  -0.907  4.528   1.00 8.19  ? 1   DC  A C4    1 
ATOM   14  N  N4    . DC  A 1 1  ? 16.412  -2.082  5.055   1.00 7.87  ? 1   DC  A N4    1 
ATOM   15  C  C5    . DC  A 1 1  ? 16.463  0.288   5.250   1.00 7.97  ? 1   DC  A C5    1 
ATOM   16  C  C6    . DC  A 1 1  ? 16.801  1.443   4.675   1.00 7.76  ? 1   DC  A C6    1 
ATOM   17  P  P     . DG  A 1 2  ? 16.993  6.151   0.473   1.00 17.14 ? 2   DG  A P     1 
ATOM   18  O  OP1   . DG  A 1 2  ? 17.806  7.095   -0.385  1.00 20.61 ? 2   DG  A OP1   1 
ATOM   19  O  OP2   . DG  A 1 2  ? 15.851  6.633   1.294   1.00 17.77 ? 2   DG  A OP2   1 
ATOM   20  O  "O5'" . DG  A 1 2  ? 16.383  4.994   -0.440  1.00 15.64 ? 2   DG  A "O5'" 1 
ATOM   21  C  "C5'" . DG  A 1 2  ? 17.261  4.296   -1.304  1.00 14.95 ? 2   DG  A "C5'" 1 
ATOM   22  C  "C4'" . DG  A 1 2  ? 16.438  3.339   -2.115  1.00 14.88 ? 2   DG  A "C4'" 1 
ATOM   23  O  "O4'" . DG  A 1 2  ? 16.160  2.153   -1.312  1.00 13.95 ? 2   DG  A "O4'" 1 
ATOM   24  C  "C3'" . DG  A 1 2  ? 15.091  3.904   -2.548  1.00 14.59 ? 2   DG  A "C3'" 1 
ATOM   25  O  "O3'" . DG  A 1 2  ? 14.926  3.438   -3.886  1.00 20.89 ? 2   DG  A "O3'" 1 
ATOM   26  C  "C2'" . DG  A 1 2  ? 14.123  3.308   -1.555  1.00 12.62 ? 2   DG  A "C2'" 1 
ATOM   27  C  "C1'" . DG  A 1 2  ? 14.759  1.950   -1.310  1.00 11.28 ? 2   DG  A "C1'" 1 
ATOM   28  N  N9    . DG  A 1 2  ? 14.420  1.318   -0.049  1.00 9.03  ? 2   DG  A N9    1 
ATOM   29  C  C8    . DG  A 1 2  ? 14.181  1.910   1.165   1.00 8.60  ? 2   DG  A C8    1 
ATOM   30  N  N7    . DG  A 1 2  ? 13.985  1.045   2.128   1.00 7.37  ? 2   DG  A N7    1 
ATOM   31  C  C5    . DG  A 1 2  ? 14.175  -0.189  1.523   1.00 6.49  ? 2   DG  A C5    1 
ATOM   32  C  C6    . DG  A 1 2  ? 14.053  -1.499  2.049   1.00 6.25  ? 2   DG  A C6    1 
ATOM   33  O  O6    . DG  A 1 2  ? 13.791  -1.844  3.215   1.00 6.49  ? 2   DG  A O6    1 
ATOM   34  N  N1    . DG  A 1 2  ? 14.282  -2.463  1.080   1.00 5.91  ? 2   DG  A N1    1 
ATOM   35  C  C2    . DG  A 1 2  ? 14.575  -2.208  -0.231  1.00 6.42  ? 2   DG  A C2    1 
ATOM   36  N  N2    . DG  A 1 2  ? 14.788  -3.268  -0.996  1.00 5.99  ? 2   DG  A N2    1 
ATOM   37  N  N3    . DG  A 1 2  ? 14.694  -0.989  -0.740  1.00 6.57  ? 2   DG  A N3    1 
ATOM   38  C  C4    . DG  A 1 2  ? 14.489  -0.035  0.186   1.00 7.47  ? 2   DG  A C4    1 
ATOM   39  P  P     . DC  A 1 3  ? 13.858  4.056   -4.880  1.00 17.81 ? 3   DC  A P     1 
ATOM   40  O  OP1   . DC  A 1 3  ? 14.641  4.719   -5.931  1.00 23.26 ? 3   DC  A OP1   1 
ATOM   41  O  OP2   . DC  A 1 3  ? 12.792  4.752   -4.151  1.00 21.80 ? 3   DC  A OP2   1 
ATOM   42  O  "O5'" . DC  A 1 3  ? 13.252  2.717   -5.475  1.00 16.01 ? 3   DC  A "O5'" 1 
ATOM   43  C  "C5'" . DC  A 1 3  ? 14.105  1.653   -5.911  1.00 12.70 ? 3   DC  A "C5'" 1 
ATOM   44  C  "C4'" . DC  A 1 3  ? 13.377  0.375   -5.579  1.00 11.31 ? 3   DC  A "C4'" 1 
ATOM   45  O  "O4'" . DC  A 1 3  ? 13.350  0.183   -4.154  1.00 10.02 ? 3   DC  A "O4'" 1 
ATOM   46  C  "C3'" . DC  A 1 3  ? 11.907  0.413   -5.960  1.00 11.36 ? 3   DC  A "C3'" 1 
ATOM   47  O  "O3'" . DC  A 1 3  ? 11.803  -0.090  -7.276  1.00 15.55 ? 3   DC  A "O3'" 1 
ATOM   48  C  "C2'" . DC  A 1 3  ? 11.317  -0.663  -5.061  1.00 11.07 ? 3   DC  A "C2'" 1 
ATOM   49  C  "C1'" . DC  A 1 3  ? 12.272  -0.736  -3.886  1.00 9.51  ? 3   DC  A "C1'" 1 
ATOM   50  N  N1    . DC  A 1 3  ? 11.715  -0.354  -2.599  1.00 8.81  ? 3   DC  A N1    1 
ATOM   51  C  C2    . DC  A 1 3  ? 11.493  -1.345  -1.647  1.00 7.50  ? 3   DC  A C2    1 
ATOM   52  O  O2    . DC  A 1 3  ? 11.649  -2.525  -1.970  1.00 7.60  ? 3   DC  A O2    1 
ATOM   53  N  N3    . DC  A 1 3  ? 11.138  -0.985  -0.396  1.00 7.45  ? 3   DC  A N3    1 
ATOM   54  C  C4    . DC  A 1 3  ? 10.971  0.303   -0.098  1.00 7.71  ? 3   DC  A C4    1 
ATOM   55  N  N4    . DC  A 1 3  ? 10.632  0.618   1.156   1.00 8.29  ? 3   DC  A N4    1 
ATOM   56  C  C5    . DC  A 1 3  ? 11.162  1.329   -1.060  1.00 8.51  ? 3   DC  A C5    1 
ATOM   57  C  C6    . DC  A 1 3  ? 11.537  0.958   -2.289  1.00 8.14  ? 3   DC  A C6    1 
ATOM   58  P  P     . DG  A 1 4  ? 10.392  -0.076  -8.017  1.00 18.26 ? 4   DG  A P     1 
ATOM   59  O  OP1   . DG  A 1 4  ? 10.669  0.013   -9.488  1.00 22.92 ? 4   DG  A OP1   1 
ATOM   60  O  OP2   . DG  A 1 4  ? 9.507   0.908   -7.371  1.00 20.19 ? 4   DG  A OP2   1 
ATOM   61  O  "O5'" . DG  A 1 4  ? 9.742   -1.477  -7.649  1.00 14.66 ? 4   DG  A "O5'" 1 
ATOM   62  C  "C5'" . DG  A 1 4  ? 10.393  -2.740  -7.811  1.00 14.32 ? 4   DG  A "C5'" 1 
ATOM   63  C  "C4'" . DG  A 1 4  ? 9.489   -3.792  -7.219  1.00 16.07 ? 4   DG  A "C4'" 1 
ATOM   64  O  "O4'" . DG  A 1 4  ? 9.393   -3.630  -5.781  1.00 14.99 ? 4   DG  A "O4'" 1 
ATOM   65  C  "C3'" . DG  A 1 4  ? 8.053   -3.776  -7.748  1.00 16.50 ? 4   DG  A "C3'" 1 
ATOM   66  O  "O3'" . DG  A 1 4  ? 7.725   -5.142  -7.929  1.00 20.07 ? 4   DG  A "O3'" 1 
ATOM   67  C  "C2'" . DG  A 1 4  ? 7.255   -3.105  -6.651  1.00 15.08 ? 4   DG  A "C2'" 1 
ATOM   68  C  "C1'" . DG  A 1 4  ? 8.042   -3.445  -5.387  1.00 13.47 ? 4   DG  A "C1'" 1 
ATOM   69  N  N9    . DG  A 1 4  ? 8.021   -2.428  -4.349  1.00 11.85 ? 4   DG  A N9    1 
ATOM   70  C  C8    . DG  A 1 4  ? 8.054   -1.065  -4.485  1.00 10.73 ? 4   DG  A C8    1 
ATOM   71  N  N7    . DG  A 1 4  ? 8.021   -0.433  -3.345  1.00 10.45 ? 4   DG  A N7    1 
ATOM   72  C  C5    . DG  A 1 4  ? 7.975   -1.444  -2.397  1.00 9.65  ? 4   DG  A C5    1 
ATOM   73  C  C6    . DG  A 1 4  ? 7.906   -1.371  -0.983  1.00 9.69  ? 4   DG  A C6    1 
ATOM   74  O  O6    . DG  A 1 4  ? 7.924   -0.373  -0.261  1.00 11.15 ? 4   DG  A O6    1 
ATOM   75  N  N1    . DG  A 1 4  ? 7.880   -2.636  -0.411  1.00 8.89  ? 4   DG  A N1    1 
ATOM   76  C  C2    . DG  A 1 4  ? 7.853   -3.812  -1.101  1.00 9.25  ? 4   DG  A C2    1 
ATOM   77  N  N2    . DG  A 1 4  ? 7.788   -4.920  -0.360  1.00 9.15  ? 4   DG  A N2    1 
ATOM   78  N  N3    . DG  A 1 4  ? 7.929   -3.899  -2.428  1.00 9.52  ? 4   DG  A N3    1 
ATOM   79  C  C4    . DG  A 1 4  ? 7.982   -2.682  -3.000  1.00 10.45 ? 4   DG  A C4    1 
ATOM   80  P  P     . DA  A 1 5  ? 6.234   -5.545  -8.402  1.00 23.75 ? 5   DA  A P     1 
ATOM   81  O  OP1   . DA  A 1 5  ? 6.381   -6.711  -9.288  1.00 23.33 ? 5   DA  A OP1   1 
ATOM   82  O  OP2   . DA  A 1 5  ? 5.522   -4.308  -8.828  1.00 24.78 ? 5   DA  A OP2   1 
ATOM   83  O  "O5'" . DA  A 1 5  ? 5.561   -6.041  -7.045  1.00 18.47 ? 5   DA  A "O5'" 1 
ATOM   84  C  "C5'" . DA  A 1 5  ? 6.064   -7.251  -6.492  1.00 16.85 ? 5   DA  A "C5'" 1 
ATOM   85  C  "C4'" . DA  A 1 5  ? 5.459   -7.554  -5.146  1.00 17.47 ? 5   DA  A "C4'" 1 
ATOM   86  O  "O4'" . DA  A 1 5  ? 5.631   -6.433  -4.262  1.00 16.65 ? 5   DA  A "O4'" 1 
ATOM   87  C  "C3'" . DA  A 1 5  ? 3.962   -7.897  -5.145  1.00 16.59 ? 5   DA  A "C3'" 1 
ATOM   88  O  "O3'" . DA  A 1 5  ? 3.867   -9.117  -4.405  1.00 15.49 ? 5   DA  A "O3'" 1 
ATOM   89  C  "C2'" . DA  A 1 5  ? 3.303   -6.702  -4.481  1.00 15.23 ? 5   DA  A "C2'" 1 
ATOM   90  C  "C1'" . DA  A 1 5  ? 4.409   -6.159  -3.570  1.00 15.40 ? 5   DA  A "C1'" 1 
ATOM   91  N  N9    . DA  A 1 5  ? 4.391   -4.733  -3.327  1.00 13.23 ? 5   DA  A N9    1 
ATOM   92  C  C8    . DA  A 1 5  ? 4.482   -3.752  -4.282  1.00 11.29 ? 5   DA  A C8    1 
ATOM   93  N  N7    . DA  A 1 5  ? 4.582   -2.545  -3.791  1.00 12.05 ? 5   DA  A N7    1 
ATOM   94  C  C5    . DA  A 1 5  ? 4.533   -2.738  -2.416  1.00 10.45 ? 5   DA  A C5    1 
ATOM   95  C  C6    . DA  A 1 5  ? 4.558   -1.835  -1.338  1.00 10.03 ? 5   DA  A C6    1 
ATOM   96  N  N6    . DA  A 1 5  ? 4.627   -0.512  -1.487  1.00 8.79  ? 5   DA  A N6    1 
ATOM   97  N  N1    . DA  A 1 5  ? 4.497   -2.344  -0.092  1.00 8.91  ? 5   DA  A N1    1 
ATOM   98  C  C2    . DA  A 1 5  ? 4.460   -3.673  0.053   1.00 10.13 ? 5   DA  A C2    1 
ATOM   99  N  N3    . DA  A 1 5  ? 4.408   -4.627  -0.886  1.00 12.53 ? 5   DA  A N3    1 
ATOM   100 C  C4    . DA  A 1 5  ? 4.457   -4.080  -2.113  1.00 11.12 ? 5   DA  A C4    1 
ATOM   101 P  P     . DA  A 1 6  ? 2.439   -9.807  -4.152  1.00 16.07 ? 6   DA  A P     1 
ATOM   102 O  OP1   . DA  A 1 6  ? 2.694   -11.264 -3.888  1.00 15.03 ? 6   DA  A OP1   1 
ATOM   103 O  OP2   . DA  A 1 6  ? 1.554   -9.402  -5.242  1.00 14.69 ? 6   DA  A OP2   1 
ATOM   104 O  "O5'" . DA  A 1 6  ? 1.877   -9.023  -2.870  1.00 12.03 ? 6   DA  A "O5'" 1 
ATOM   105 C  "C5'" . DA  A 1 6  ? 2.438   -9.345  -1.610  1.00 9.99  ? 6   DA  A "C5'" 1 
ATOM   106 C  "C4'" . DA  A 1 6  ? 1.697   -8.635  -0.508  1.00 8.48  ? 6   DA  A "C4'" 1 
ATOM   107 O  "O4'" . DA  A 1 6  ? 1.945   -7.220  -0.582  1.00 7.69  ? 6   DA  A "O4'" 1 
ATOM   108 C  "C3'" . DA  A 1 6  ? 0.183   -8.812  -0.585  1.00 7.71  ? 6   DA  A "C3'" 1 
ATOM   109 O  "O3'" . DA  A 1 6  ? -0.128  -9.409  0.674   1.00 7.75  ? 6   DA  A "O3'" 1 
ATOM   110 C  "C2'" . DA  A 1 6  ? -0.346  -7.407  -0.837  1.00 7.44  ? 6   DA  A "C2'" 1 
ATOM   111 C  "C1'" . DA  A 1 6  ? 0.752   -6.498  -0.378  1.00 7.03  ? 6   DA  A "C1'" 1 
ATOM   112 N  N9    . DA  A 1 6  ? 0.879   -5.240  -1.107  1.00 6.79  ? 6   DA  A N9    1 
ATOM   113 C  C8    . DA  A 1 6  ? 0.912   -5.027  -2.462  1.00 6.10  ? 6   DA  A C8    1 
ATOM   114 N  N7    . DA  A 1 6  ? 1.047   -3.763  -2.791  1.00 6.11  ? 6   DA  A N7    1 
ATOM   115 C  C5    . DA  A 1 6  ? 1.092   -3.103  -1.568  1.00 5.56  ? 6   DA  A C5    1 
ATOM   116 C  C6    . DA  A 1 6  ? 1.223   -1.742  -1.230  1.00 5.31  ? 6   DA  A C6    1 
ATOM   117 N  N6    . DA  A 1 6  ? 1.323   -0.768  -2.132  1.00 4.97  ? 6   DA  A N6    1 
ATOM   118 N  N1    . DA  A 1 6  ? 1.174   -1.407  0.086   1.00 5.61  ? 6   DA  A N1    1 
ATOM   119 C  C2    . DA  A 1 6  ? 1.054   -2.396  0.987   1.00 6.00  ? 6   DA  A C2    1 
ATOM   120 N  N3    . DA  A 1 6  ? 0.933   -3.706  0.788   1.00 6.01  ? 6   DA  A N3    1 
ATOM   121 C  C4    . DA  A 1 6  ? 0.979   -3.999  -0.527  1.00 5.76  ? 6   DA  A C4    1 
ATOM   122 P  P     . DT  A 1 7  ? -1.629  -9.767  1.072   1.00 7.84  ? 7   DT  A P     1 
ATOM   123 O  OP1   . DT  A 1 7  ? -1.526  -10.843 2.102   1.00 8.80  ? 7   DT  A OP1   1 
ATOM   124 O  OP2   . DT  A 1 7  ? -2.482  -9.872  -0.116  1.00 7.54  ? 7   DT  A OP2   1 
ATOM   125 O  "O5'" . DT  A 1 7  ? -2.116  -8.423  1.787   1.00 6.55  ? 7   DT  A "O5'" 1 
ATOM   126 C  "C5'" . DT  A 1 7  ? -1.399  -7.929  2.926   1.00 6.95  ? 7   DT  A "C5'" 1 
ATOM   127 C  "C4'" . DT  A 1 7  ? -1.921  -6.555  3.270   1.00 6.81  ? 7   DT  A "C4'" 1 
ATOM   128 O  "O4'" . DT  A 1 7  ? -1.601  -5.610  2.239   1.00 6.23  ? 7   DT  A "O4'" 1 
ATOM   129 C  "C3'" . DT  A 1 7  ? -3.432  -6.435  3.483   1.00 7.21  ? 7   DT  A "C3'" 1 
ATOM   130 O  "O3'" . DT  A 1 7  ? -3.568  -6.278  4.897   1.00 9.16  ? 7   DT  A "O3'" 1 
ATOM   131 C  "C2'" . DT  A 1 7  ? -3.850  -5.211  2.686   1.00 6.60  ? 7   DT  A "C2'" 1 
ATOM   132 C  "C1'" . DT  A 1 7  ? -2.521  -4.547  2.330   1.00 6.12  ? 7   DT  A "C1'" 1 
ATOM   133 N  N1    . DT  A 1 7  ? -2.463  -3.842  1.046   1.00 5.63  ? 7   DT  A N1    1 
ATOM   134 C  C2    . DT  A 1 7  ? -2.147  -2.496  1.052   1.00 5.37  ? 7   DT  A C2    1 
ATOM   135 O  O2    . DT  A 1 7  ? -2.093  -1.829  2.071   1.00 6.10  ? 7   DT  A O2    1 
ATOM   136 N  N3    . DT  A 1 7  ? -2.122  -1.916  -0.189  1.00 5.27  ? 7   DT  A N3    1 
ATOM   137 C  C4    . DT  A 1 7  ? -2.221  -2.541  -1.404  1.00 4.92  ? 7   DT  A C4    1 
ATOM   138 O  O4    . DT  A 1 7  ? -2.100  -1.887  -2.443  1.00 5.12  ? 7   DT  A O4    1 
ATOM   139 C  C5    . DT  A 1 7  ? -2.509  -3.962  -1.345  1.00 4.96  ? 7   DT  A C5    1 
ATOM   140 C  C7    . DT  A 1 7  ? -2.690  -4.711  -2.627  1.00 5.04  ? 7   DT  A C7    1 
ATOM   141 C  C6    . DT  A 1 7  ? -2.606  -4.535  -0.139  1.00 5.12  ? 7   DT  A C6    1 
ATOM   142 P  P     . DT  A 1 8  ? -5.045  -6.250  5.572   1.00 10.53 ? 8   DT  A P     1 
ATOM   143 O  OP1   . DT  A 1 8  ? -4.840  -6.660  7.038   1.00 12.33 ? 8   DT  A OP1   1 
ATOM   144 O  OP2   . DT  A 1 8  ? -6.015  -6.942  4.764   1.00 10.36 ? 8   DT  A OP2   1 
ATOM   145 O  "O5'" . DT  A 1 8  ? -5.437  -4.697  5.581   1.00 10.08 ? 8   DT  A "O5'" 1 
ATOM   146 C  "C5'" . DT  A 1 8  ? -4.501  -3.831  6.252   1.00 10.18 ? 8   DT  A "C5'" 1 
ATOM   147 C  "C4'" . DT  A 1 8  ? -4.887  -2.416  5.929   1.00 10.64 ? 8   DT  A "C4'" 1 
ATOM   148 O  "O4'" . DT  A 1 8  ? -4.618  -2.193  4.543   1.00 8.99  ? 8   DT  A "O4'" 1 
ATOM   149 C  "C3'" . DT  A 1 8  ? -6.380  -2.120  6.130   1.00 10.97 ? 8   DT  A "C3'" 1 
ATOM   150 O  "O3'" . DT  A 1 8  ? -6.391  -1.254  7.258   1.00 12.20 ? 8   DT  A "O3'" 1 
ATOM   151 C  "C2'" . DT  A 1 8  ? -6.855  -1.477  4.842   1.00 10.38 ? 8   DT  A "C2'" 1 
ATOM   152 C  "C1'" . DT  A 1 8  ? -5.552  -1.184  4.121   1.00 9.13  ? 8   DT  A "C1'" 1 
ATOM   153 N  N1    . DT  A 1 8  ? -5.624  -1.244  2.656   1.00 7.46  ? 8   DT  A N1    1 
ATOM   154 C  C2    . DT  A 1 8  ? -5.247  -0.134  1.935   1.00 7.09  ? 8   DT  A C2    1 
ATOM   155 O  O2    . DT  A 1 8  ? -5.001  0.929   2.447   1.00 7.55  ? 8   DT  A O2    1 
ATOM   156 N  N3    . DT  A 1 8  ? -5.192  -0.317  0.580   1.00 6.39  ? 8   DT  A N3    1 
ATOM   157 C  C4    . DT  A 1 8  ? -5.496  -1.472  -0.120  1.00 6.78  ? 8   DT  A C4    1 
ATOM   158 O  O4    . DT  A 1 8  ? -5.403  -1.481  -1.350  1.00 6.82  ? 8   DT  A O4    1 
ATOM   159 C  C5    . DT  A 1 8  ? -5.885  -2.598  0.696   1.00 7.02  ? 8   DT  A C5    1 
ATOM   160 C  C7    . DT  A 1 8  ? -6.243  -3.884  0.031   1.00 7.30  ? 8   DT  A C7    1 
ATOM   161 C  C6    . DT  A 1 8  ? -5.924  -2.431  2.026   1.00 7.09  ? 8   DT  A C6    1 
ATOM   162 P  P     . DC  A 1 9  ? -7.757  -0.585  7.788   1.00 13.85 ? 9   DC  A P     1 
ATOM   163 O  OP1   . DC  A 1 9  ? -7.502  -0.267  9.234   1.00 17.49 ? 9   DC  A OP1   1 
ATOM   164 O  OP2   . DC  A 1 9  ? -8.931  -1.293  7.308   1.00 13.04 ? 9   DC  A OP2   1 
ATOM   165 O  "O5'" . DC  A 1 9  ? -7.798  0.826   7.088   1.00 12.48 ? 9   DC  A "O5'" 1 
ATOM   166 C  "C5'" . DC  A 1 9  ? -6.624  1.625   7.114   1.00 12.45 ? 9   DC  A "C5'" 1 
ATOM   167 C  "C4'" . DC  A 1 9  ? -6.875  2.851   6.276   1.00 12.38 ? 9   DC  A "C4'" 1 
ATOM   168 O  "O4'" . DC  A 1 9  ? -6.873  2.453   4.896   1.00 12.06 ? 9   DC  A "O4'" 1 
ATOM   169 C  "C3'" . DC  A 1 9  ? -8.204  3.575   6.525   1.00 13.48 ? 9   DC  A "C3'" 1 
ATOM   170 O  "O3'" . DC  A 1 9  ? -7.859  4.949   6.731   1.00 17.70 ? 9   DC  A "O3'" 1 
ATOM   171 C  "C2'" . DC  A 1 9  ? -8.965  3.449   5.215   1.00 11.77 ? 9   DC  A "C2'" 1 
ATOM   172 C  "C1'" . DC  A 1 9  ? -7.887  3.180   4.198   1.00 10.14 ? 9   DC  A "C1'" 1 
ATOM   173 N  N1    . DC  A 1 9  ? -8.271  2.350   3.046   1.00 8.62  ? 9   DC  A N1    1 
ATOM   174 C  C2    . DC  A 1 9  ? -7.980  2.783   1.748   1.00 7.93  ? 9   DC  A C2    1 
ATOM   175 O  O2    . DC  A 1 9  ? -7.629  3.962   1.562   1.00 9.32  ? 9   DC  A O2    1 
ATOM   176 N  N3    . DC  A 1 9  ? -8.168  1.926   0.713   1.00 7.81  ? 9   DC  A N3    1 
ATOM   177 C  C4    . DC  A 1 9  ? -8.633  0.695   0.944   1.00 7.49  ? 9   DC  A C4    1 
ATOM   178 N  N4    . DC  A 1 9  ? -8.744  -0.132  -0.087  1.00 6.79  ? 9   DC  A N4    1 
ATOM   179 C  C5    . DC  A 1 9  ? -8.905  0.225   2.261   1.00 7.52  ? 9   DC  A C5    1 
ATOM   180 C  C6    . DC  A 1 9  ? -8.689  1.065   3.271   1.00 8.10  ? 9   DC  A C6    1 
ATOM   181 P  P     . DG  A 1 10 ? -8.869  5.972   7.478   1.00 19.34 ? 10  DG  A P     1 
ATOM   182 O  OP1   . DG  A 1 10 ? -8.021  7.009   8.144   1.00 21.41 ? 10  DG  A OP1   1 
ATOM   183 O  OP2   . DG  A 1 10 ? -9.969  5.208   8.110   1.00 17.49 ? 10  DG  A OP2   1 
ATOM   184 O  "O5'" . DG  A 1 10 ? -9.728  6.623   6.309   1.00 16.73 ? 10  DG  A "O5'" 1 
ATOM   185 C  "C5'" . DG  A 1 10 ? -9.030  7.429   5.391   1.00 15.61 ? 10  DG  A "C5'" 1 
ATOM   186 C  "C4'" . DG  A 1 10 ? -9.929  7.627   4.201   1.00 15.11 ? 10  DG  A "C4'" 1 
ATOM   187 O  "O4'" . DG  A 1 10 ? -9.985  6.373   3.479   1.00 12.86 ? 10  DG  A "O4'" 1 
ATOM   188 C  "C3'" . DG  A 1 10 ? -11.380 7.951   4.573   1.00 15.11 ? 10  DG  A "C3'" 1 
ATOM   189 O  "O3'" . DG  A 1 10 ? -11.956 8.831   3.615   1.00 17.28 ? 10  DG  A "O3'" 1 
ATOM   190 C  "C2'" . DG  A 1 10 ? -12.094 6.627   4.391   1.00 14.17 ? 10  DG  A "C2'" 1 
ATOM   191 C  "C1'" . DG  A 1 10 ? -11.348 6.161   3.174   1.00 11.74 ? 10  DG  A "C1'" 1 
ATOM   192 N  N9    . DG  A 1 10 ? -11.527 4.771   2.781   1.00 9.30  ? 10  DG  A N9    1 
ATOM   193 C  C8    . DG  A 1 10 ? -11.835 3.667   3.540   1.00 9.31  ? 10  DG  A C8    1 
ATOM   194 N  N7    . DG  A 1 10 ? -11.967 2.579   2.828   1.00 8.18  ? 10  DG  A N7    1 
ATOM   195 C  C5    . DG  A 1 10 ? -11.665 2.977   1.531   1.00 7.80  ? 10  DG  A C5    1 
ATOM   196 C  C6    . DG  A 1 10 ? -11.580 2.223   0.332   1.00 7.19  ? 10  DG  A C6    1 
ATOM   197 O  O6    . DG  A 1 10 ? -11.811 1.010   0.159   1.00 6.69  ? 10  DG  A O6    1 
ATOM   198 N  N1    . DG  A 1 10 ? -11.274 3.035   -0.756  1.00 7.10  ? 10  DG  A N1    1 
ATOM   199 C  C2    . DG  A 1 10 ? -11.014 4.384   -0.683  1.00 7.38  ? 10  DG  A C2    1 
ATOM   200 N  N2    . DG  A 1 10 ? -10.724 5.001   -1.816  1.00 6.48  ? 10  DG  A N2    1 
ATOM   201 N  N3    . DG  A 1 10 ? -10.989 5.071   0.452   1.00 6.89  ? 10  DG  A N3    1 
ATOM   202 C  C4    . DG  A 1 10 ? -11.391 4.326   1.488   1.00 8.10  ? 10  DG  A C4    1 
ATOM   203 P  P     . DC  A 1 11 ? -12.221 10.410  3.996   1.00 19.78 ? 11  DC  A P     1 
ATOM   204 O  OP1   . DC  A 1 11 ? -11.172 10.831  4.953   1.00 18.96 ? 11  DC  A OP1   1 
ATOM   205 O  OP2   . DC  A 1 11 ? -13.651 10.494  4.395   1.00 18.93 ? 11  DC  A OP2   1 
ATOM   206 O  "O5'" . DC  A 1 11 ? -11.895 11.126  2.602   1.00 15.34 ? 11  DC  A "O5'" 1 
ATOM   207 C  "C5'" . DC  A 1 11 ? -10.616 11.084  1.954   1.00 15.63 ? 11  DC  A "C5'" 1 
ATOM   208 C  "C4'" . DC  A 1 11 ? -10.788 10.856  0.467   1.00 14.61 ? 11  DC  A "C4'" 1 
ATOM   209 O  "O4'" . DC  A 1 11 ? -11.270 9.514   0.221   1.00 14.08 ? 11  DC  A "O4'" 1 
ATOM   210 C  "C3'" . DC  A 1 11 ? -11.782 11.766  -0.251  1.00 14.70 ? 11  DC  A "C3'" 1 
ATOM   211 O  "O3'" . DC  A 1 11 ? -11.152 12.044  -1.504  1.00 16.83 ? 11  DC  A "O3'" 1 
ATOM   212 C  "C2'" . DC  A 1 11 ? -13.038 10.922  -0.367  1.00 14.93 ? 11  DC  A "C2'" 1 
ATOM   213 C  "C1'" . DC  A 1 11 ? -12.447 9.539   -0.620  1.00 12.43 ? 11  DC  A "C1'" 1 
ATOM   214 N  N1    . DC  A 1 11 ? -13.246 8.372   -0.256  1.00 10.52 ? 11  DC  A N1    1 
ATOM   215 C  C2    . DC  A 1 11 ? -13.315 7.298   -1.154  1.00 10.42 ? 11  DC  A C2    1 
ATOM   216 O  O2    . DC  A 1 11 ? -12.818 7.427   -2.276  1.00 8.93  ? 11  DC  A O2    1 
ATOM   217 N  N3    . DC  A 1 11 ? -13.874 6.136   -0.751  1.00 9.11  ? 11  DC  A N3    1 
ATOM   218 C  C4    . DC  A 1 11 ? -14.307 6.006   0.496   1.00 9.49  ? 11  DC  A C4    1 
ATOM   219 N  N4    . DC  A 1 11 ? -14.841 4.843   0.851   1.00 9.31  ? 11  DC  A N4    1 
ATOM   220 C  C5    . DC  A 1 11 ? -14.277 7.089   1.422   1.00 9.89  ? 11  DC  A C5    1 
ATOM   221 C  C6    . DC  A 1 11 ? -13.671 8.216   1.032   1.00 10.28 ? 11  DC  A C6    1 
ATOM   222 P  P     . DG  A 1 12 ? -11.606 13.331  -2.345  1.00 22.53 ? 12  DG  A P     1 
ATOM   223 O  OP1   . DG  A 1 12 ? -10.449 13.783  -3.159  1.00 22.51 ? 12  DG  A OP1   1 
ATOM   224 O  OP2   . DG  A 1 12 ? -12.433 14.218  -1.485  1.00 23.75 ? 12  DG  A OP2   1 
ATOM   225 O  "O5'" . DG  A 1 12 ? -12.731 12.820  -3.345  1.00 19.40 ? 12  DG  A "O5'" 1 
ATOM   226 C  "C5'" . DG  A 1 12 ? -12.439 12.000  -4.482  1.00 16.65 ? 12  DG  A "C5'" 1 
ATOM   227 C  "C4'" . DG  A 1 12 ? -13.766 11.557  -5.056  1.00 14.38 ? 12  DG  A "C4'" 1 
ATOM   228 O  "O4'" . DG  A 1 12 ? -14.276 10.526  -4.221  1.00 13.72 ? 12  DG  A "O4'" 1 
ATOM   229 C  "C3'" . DG  A 1 12 ? -14.872 12.615  -5.080  1.00 13.14 ? 12  DG  A "C3'" 1 
ATOM   230 O  "O3'" . DG  A 1 12 ? -15.062 13.116  -6.405  1.00 12.45 ? 12  DG  A "O3'" 1 
ATOM   231 C  "C2'" . DG  A 1 12 ? -16.105 11.916  -4.523  1.00 12.06 ? 12  DG  A "C2'" 1 
ATOM   232 C  "C1'" . DG  A 1 12 ? -15.683 10.465  -4.378  1.00 11.60 ? 12  DG  A "C1'" 1 
ATOM   233 N  N9    . DG  A 1 12 ? -16.188 9.727   -3.221  1.00 10.28 ? 12  DG  A N9    1 
ATOM   234 C  C8    . DG  A 1 12 ? -16.159 10.137  -1.907  1.00 11.33 ? 12  DG  A C8    1 
ATOM   235 N  N7    . DG  A 1 12 ? -16.546 9.207   -1.075  1.00 10.88 ? 12  DG  A N7    1 
ATOM   236 C  C5    . DG  A 1 12 ? -16.740 8.092   -1.878  1.00 9.83  ? 12  DG  A C5    1 
ATOM   237 C  C6    . DG  A 1 12 ? -17.110 6.761   -1.538  1.00 9.77  ? 12  DG  A C6    1 
ATOM   238 O  O6    . DG  A 1 12 ? -17.421 6.313   -0.432  1.00 10.33 ? 12  DG  A O6    1 
ATOM   239 N  N1    . DG  A 1 12 ? -17.205 5.952   -2.662  1.00 9.12  ? 12  DG  A N1    1 
ATOM   240 C  C2    . DG  A 1 12 ? -16.934 6.351   -3.948  1.00 9.47  ? 12  DG  A C2    1 
ATOM   241 N  N2    . DG  A 1 12 ? -17.130 5.441   -4.899  1.00 8.74  ? 12  DG  A N2    1 
ATOM   242 N  N3    . DG  A 1 12 ? -16.590 7.589   -4.279  1.00 8.74  ? 12  DG  A N3    1 
ATOM   243 C  C4    . DG  A 1 12 ? -16.486 8.390   -3.201  1.00 9.94  ? 12  DG  A C4    1 
ATOM   244 O  "O5'" . DC  B 1 1  ? -21.403 -2.102  -2.413  1.00 25.72 ? 13  DC  B "O5'" 1 
ATOM   245 C  "C5'" . DC  B 1 1  ? -21.896 -1.799  -3.720  1.00 21.02 ? 13  DC  B "C5'" 1 
ATOM   246 C  "C4'" . DC  B 1 1  ? -20.804 -1.170  -4.555  1.00 19.06 ? 13  DC  B "C4'" 1 
ATOM   247 O  "O4'" . DC  B 1 1  ? -20.359 0.098   -4.011  1.00 17.56 ? 13  DC  B "O4'" 1 
ATOM   248 C  "C3'" . DC  B 1 1  ? -19.549 -2.011  -4.775  1.00 18.41 ? 13  DC  B "C3'" 1 
ATOM   249 O  "O3'" . DC  B 1 1  ? -19.426 -1.963  -6.184  1.00 16.88 ? 13  DC  B "O3'" 1 
ATOM   250 C  "C2'" . DC  B 1 1  ? -18.438 -1.256  -4.068  1.00 17.52 ? 13  DC  B "C2'" 1 
ATOM   251 C  "C1'" . DC  B 1 1  ? -18.943 0.181   -4.104  1.00 16.91 ? 13  DC  B "C1'" 1 
ATOM   252 N  N1    . DC  B 1 1  ? -18.516 0.999   -2.982  1.00 15.62 ? 13  DC  B N1    1 
ATOM   253 C  C2    . DC  B 1 1  ? -18.109 2.326   -3.211  1.00 14.49 ? 13  DC  B C2    1 
ATOM   254 O  O2    . DC  B 1 1  ? -17.998 2.728   -4.372  1.00 13.72 ? 13  DC  B O2    1 
ATOM   255 N  N3    . DC  B 1 1  ? -17.853 3.124   -2.157  1.00 13.62 ? 13  DC  B N3    1 
ATOM   256 C  C4    . DC  B 1 1  ? -17.961 2.642   -0.913  1.00 15.35 ? 13  DC  B C4    1 
ATOM   257 N  N4    . DC  B 1 1  ? -17.667 3.454   0.097   1.00 12.92 ? 13  DC  B N4    1 
ATOM   258 C  C5    . DC  B 1 1  ? -18.422 1.315   -0.654  1.00 15.43 ? 13  DC  B C5    1 
ATOM   259 C  C6    . DC  B 1 1  ? -18.739 0.558   -1.708  1.00 16.52 ? 13  DC  B C6    1 
ATOM   260 P  P     . DG  B 1 2  ? -18.486 -2.960  -6.968  1.00 21.27 ? 14  DG  B P     1 
ATOM   261 O  OP1   . DG  B 1 2  ? -19.213 -3.371  -8.241  1.00 23.19 ? 14  DG  B OP1   1 
ATOM   262 O  OP2   . DG  B 1 2  ? -17.940 -3.916  -5.986  1.00 19.07 ? 14  DG  B OP2   1 
ATOM   263 O  "O5'" . DG  B 1 2  ? -17.274 -2.000  -7.350  1.00 15.23 ? 14  DG  B "O5'" 1 
ATOM   264 C  "C5'" . DG  B 1 2  ? -17.485 -0.920  -8.231  1.00 13.61 ? 14  DG  B "C5'" 1 
ATOM   265 C  "C4'" . DG  B 1 2  ? -16.320 0.023   -8.151  1.00 11.63 ? 14  DG  B "C4'" 1 
ATOM   266 O  "O4'" . DG  B 1 2  ? -16.323 0.640   -6.860  1.00 11.34 ? 14  DG  B "O4'" 1 
ATOM   267 C  "C3'" . DG  B 1 2  ? -14.967 -0.654  -8.307  1.00 11.15 ? 14  DG  B "C3'" 1 
ATOM   268 O  "O3'" . DG  B 1 2  ? -14.463 -0.182  -9.540  1.00 10.69 ? 14  DG  B "O3'" 1 
ATOM   269 C  "C2'" . DG  B 1 2  ? -14.170 -0.197  -7.098  1.00 10.36 ? 14  DG  B "C2'" 1 
ATOM   270 C  "C1'" . DG  B 1 2  ? -14.979 0.962   -6.558  1.00 10.09 ? 14  DG  B "C1'" 1 
ATOM   271 N  N9    . DG  B 1 2  ? -14.891 1.062   -5.118  1.00 8.64  ? 14  DG  B N9    1 
ATOM   272 C  C8    . DG  B 1 2  ? -15.081 0.047   -4.213  1.00 9.15  ? 14  DG  B C8    1 
ATOM   273 N  N7    . DG  B 1 2  ? -14.962 0.442   -2.974  1.00 8.41  ? 14  DG  B N7    1 
ATOM   274 C  C5    . DG  B 1 2  ? -14.680 1.793   -3.070  1.00 7.91  ? 14  DG  B C5    1 
ATOM   275 C  C6    . DG  B 1 2  ? -14.445 2.747   -2.058  1.00 7.66  ? 14  DG  B C6    1 
ATOM   276 O  O6    . DG  B 1 2  ? -14.487 2.587   -0.837  1.00 7.72  ? 14  DG  B O6    1 
ATOM   277 N  N1    . DG  B 1 2  ? -14.159 4.001   -2.591  1.00 7.41  ? 14  DG  B N1    1 
ATOM   278 C  C2    . DG  B 1 2  ? -14.098 4.293   -3.929  1.00 7.13  ? 14  DG  B C2    1 
ATOM   279 N  N2    . DG  B 1 2  ? -13.832 5.556   -4.247  1.00 6.85  ? 14  DG  B N2    1 
ATOM   280 N  N3    . DG  B 1 2  ? -14.323 3.404   -4.895  1.00 7.22  ? 14  DG  B N3    1 
ATOM   281 C  C4    . DG  B 1 2  ? -14.594 2.182   -4.390  1.00 8.07  ? 14  DG  B C4    1 
ATOM   282 P  P     . DC  B 1 3  ? -13.031 -0.617  -10.057 1.00 10.28 ? 15  DC  B P     1 
ATOM   283 O  OP1   . DC  B 1 3  ? -13.068 -0.478  -11.525 1.00 11.86 ? 15  DC  B OP1   1 
ATOM   284 O  OP2   . DC  B 1 3  ? -12.567 -1.844  -9.358  1.00 9.95  ? 15  DC  B OP2   1 
ATOM   285 O  "O5'" . DC  B 1 3  ? -12.107 0.605   -9.570  1.00 8.75  ? 15  DC  B "O5'" 1 
ATOM   286 C  "C5'" . DC  B 1 3  ? -12.388 1.953   -9.920  1.00 8.21  ? 15  DC  B "C5'" 1 
ATOM   287 C  "C4'" . DC  B 1 3  ? -11.658 2.876   -8.984  1.00 8.31  ? 15  DC  B "C4'" 1 
ATOM   288 O  "O4'" . DC  B 1 3  ? -12.134 2.642   -7.661  1.00 7.54  ? 15  DC  B "O4'" 1 
ATOM   289 C  "C3'" . DC  B 1 3  ? -10.173 2.608   -8.887  1.00 9.21  ? 15  DC  B "C3'" 1 
ATOM   290 O  "O3'" . DC  B 1 3  ? -9.549  3.396   -9.887  1.00 10.17 ? 15  DC  B "O3'" 1 
ATOM   291 C  "C2'" . DC  B 1 3  ? -9.815  3.179   -7.522  1.00 8.65  ? 15  DC  B "C2'" 1 
ATOM   292 C  "C1'" . DC  B 1 3  ? -11.109 3.076   -6.757  1.00 7.51  ? 15  DC  B "C1'" 1 
ATOM   293 N  N1    . DC  B 1 3  ? -11.110 2.150   -5.640  1.00 6.46  ? 15  DC  B N1    1 
ATOM   294 C  C2    . DC  B 1 3  ? -11.011 2.674   -4.361  1.00 6.11  ? 15  DC  B C2    1 
ATOM   295 O  O2    . DC  B 1 3  ? -10.907 3.904   -4.226  1.00 6.69  ? 15  DC  B O2    1 
ATOM   296 N  N3    . DC  B 1 3  ? -11.143 1.857   -3.303  1.00 5.91  ? 15  DC  B N3    1 
ATOM   297 C  C4    . DC  B 1 3  ? -11.275 0.547   -3.489  1.00 6.69  ? 15  DC  B C4    1 
ATOM   298 N  N4    . DC  B 1 3  ? -11.380 -0.221  -2.407  1.00 6.93  ? 15  DC  B N4    1 
ATOM   299 C  C5    . DC  B 1 3  ? -11.228 -0.032  -4.785  1.00 6.45  ? 15  DC  B C5    1 
ATOM   300 C  C6    . DC  B 1 3  ? -11.179 0.802   -5.829  1.00 6.40  ? 15  DC  B C6    1 
ATOM   301 P  P     . DG  B 1 4  ? -7.997  3.218   -10.167 1.00 12.29 ? 16  DG  B P     1 
ATOM   302 O  OP1   . DG  B 1 4  ? -7.791  3.600   -11.571 1.00 15.82 ? 16  DG  B OP1   1 
ATOM   303 O  OP2   . DG  B 1 4  ? -7.510  1.871   -9.688  1.00 13.01 ? 16  DG  B OP2   1 
ATOM   304 O  "O5'" . DG  B 1 4  ? -7.312  4.293   -9.252  1.00 12.07 ? 16  DG  B "O5'" 1 
ATOM   305 C  "C5'" . DG  B 1 4  ? -7.570  5.684   -9.397  1.00 10.97 ? 16  DG  B "C5'" 1 
ATOM   306 C  "C4'" . DG  B 1 4  ? -6.968  6.433   -8.240  1.00 11.92 ? 16  DG  B "C4'" 1 
ATOM   307 O  "O4'" . DG  B 1 4  ? -7.463  5.884   -6.994  1.00 11.22 ? 16  DG  B "O4'" 1 
ATOM   308 C  "C3'" . DG  B 1 4  ? -5.442  6.371   -8.158  1.00 12.85 ? 16  DG  B "C3'" 1 
ATOM   309 O  "O3'" . DG  B 1 4  ? -5.046  7.635   -7.671  1.00 15.18 ? 16  DG  B "O3'" 1 
ATOM   310 C  "C2'" . DG  B 1 4  ? -5.184  5.238   -7.171  1.00 11.71 ? 16  DG  B "C2'" 1 
ATOM   311 C  "C1'" . DG  B 1 4  ? -6.378  5.345   -6.230  1.00 10.02 ? 16  DG  B "C1'" 1 
ATOM   312 N  N9    . DG  B 1 4  ? -6.807  4.059   -5.654  1.00 7.75  ? 16  DG  B N9    1 
ATOM   313 C  C8    . DG  B 1 4  ? -6.786  2.818   -6.240  1.00 7.70  ? 16  DG  B C8    1 
ATOM   314 N  N7    . DG  B 1 4  ? -7.156  1.861   -5.428  1.00 6.55  ? 16  DG  B N7    1 
ATOM   315 C  C5    . DG  B 1 4  ? -7.425  2.511   -4.233  1.00 6.37  ? 16  DG  B C5    1 
ATOM   316 C  C6    . DG  B 1 4  ? -7.766  1.984   -2.975  1.00 6.27  ? 16  DG  B C6    1 
ATOM   317 O  O6    . DG  B 1 4  ? -8.058  0.812   -2.684  1.00 5.51  ? 16  DG  B O6    1 
ATOM   318 N  N1    . DG  B 1 4  ? -7.833  2.983   -2.001  1.00 5.91  ? 16  DG  B N1    1 
ATOM   319 C  C2    . DG  B 1 4  ? -7.557  4.310   -2.216  1.00 6.33  ? 16  DG  B C2    1 
ATOM   320 N  N2    . DG  B 1 4  ? -7.687  5.120   -1.168  1.00 6.13  ? 16  DG  B N2    1 
ATOM   321 N  N3    . DG  B 1 4  ? -7.294  4.821   -3.404  1.00 7.11  ? 16  DG  B N3    1 
ATOM   322 C  C4    . DG  B 1 4  ? -7.134  3.857   -4.334  1.00 7.18  ? 16  DG  B C4    1 
ATOM   323 P  P     . DA  B 1 5  ? -3.576  7.899   -7.010  1.00 17.46 ? 17  DA  B P     1 
ATOM   324 O  OP1   . DA  B 1 5  ? -3.225  9.333   -7.319  1.00 21.06 ? 17  DA  B OP1   1 
ATOM   325 O  OP2   . DA  B 1 5  ? -2.657  6.756   -7.327  1.00 18.98 ? 17  DA  B OP2   1 
ATOM   326 O  "O5'" . DA  B 1 5  ? -3.871  7.924   -5.450  1.00 15.45 ? 17  DA  B "O5'" 1 
ATOM   327 C  "C5'" . DA  B 1 5  ? -4.935  8.666   -4.911  1.00 13.65 ? 17  DA  B "C5'" 1 
ATOM   328 C  "C4'" . DA  B 1 5  ? -4.841  8.692   -3.407  1.00 12.89 ? 17  DA  B "C4'" 1 
ATOM   329 O  "O4'" . DA  B 1 5  ? -5.131  7.381   -2.854  1.00 10.95 ? 17  DA  B "O4'" 1 
ATOM   330 C  "C3'" . DA  B 1 5  ? -3.490  9.087   -2.814  1.00 12.99 ? 17  DA  B "C3'" 1 
ATOM   331 O  "O3'" . DA  B 1 5  ? -3.849  9.760   -1.630  1.00 15.84 ? 17  DA  B "O3'" 1 
ATOM   332 C  "C2'" . DA  B 1 5  ? -2.813  7.746   -2.572  1.00 11.89 ? 17  DA  B "C2'" 1 
ATOM   333 C  "C1'" . DA  B 1 5  ? -3.985  6.811   -2.240  1.00 10.12 ? 17  DA  B "C1'" 1 
ATOM   334 N  N9    . DA  B 1 5  ? -3.906  5.417   -2.712  1.00 7.48  ? 17  DA  B N9    1 
ATOM   335 C  C8    . DA  B 1 5  ? -3.667  4.925   -3.967  1.00 7.69  ? 17  DA  B C8    1 
ATOM   336 N  N7    . DA  B 1 5  ? -3.761  3.612   -4.049  1.00 7.24  ? 17  DA  B N7    1 
ATOM   337 C  C5    . DA  B 1 5  ? -4.181  3.236   -2.783  1.00 6.42  ? 17  DA  B C5    1 
ATOM   338 C  C6    . DA  B 1 5  ? -4.501  1.980   -2.230  1.00 6.19  ? 17  DA  B C6    1 
ATOM   339 N  N6    . DA  B 1 5  ? -4.424  0.843   -2.922  1.00 6.13  ? 17  DA  B N6    1 
ATOM   340 N  N1    . DA  B 1 5  ? -4.745  1.922   -0.906  1.00 6.04  ? 17  DA  B N1    1 
ATOM   341 C  C2    . DA  B 1 5  ? -4.846  3.078   -0.224  1.00 6.51  ? 17  DA  B C2    1 
ATOM   342 N  N3    . DA  B 1 5  ? -4.576  4.328   -0.639  1.00 6.31  ? 17  DA  B N3    1 
ATOM   343 C  C4    . DA  B 1 5  ? -4.263  4.331   -1.945  1.00 6.84  ? 17  DA  B C4    1 
ATOM   344 P  P     . DA  B 1 6  ? -2.686  10.452  -0.772  1.00 22.01 ? 18  DA  B P     1 
ATOM   345 O  OP1   . DA  B 1 6  ? -3.337  11.530  0.008   1.00 20.54 ? 18  DA  B OP1   1 
ATOM   346 O  OP2   . DA  B 1 6  ? -1.525  10.625  -1.648  1.00 18.69 ? 18  DA  B OP2   1 
ATOM   347 O  "O5'" . DA  B 1 6  ? -2.175  9.296   0.198   1.00 18.47 ? 18  DA  B "O5'" 1 
ATOM   348 C  "C5'" . DA  B 1 6  ? -3.002  8.948   1.280   1.00 16.96 ? 18  DA  B "C5'" 1 
ATOM   349 C  "C4'" . DA  B 1 6  ? -2.448  7.707   1.919   1.00 16.07 ? 18  DA  B "C4'" 1 
ATOM   350 O  "O4'" . DA  B 1 6  ? -2.525  6.593   1.011   1.00 14.76 ? 18  DA  B "O4'" 1 
ATOM   351 C  "C3'" . DA  B 1 6  ? -0.965  7.843   2.283   1.00 16.32 ? 18  DA  B "C3'" 1 
ATOM   352 O  "O3'" . DA  B 1 6  ? -1.028  8.056   3.688   1.00 21.11 ? 18  DA  B "O3'" 1 
ATOM   353 C  "C2'" . DA  B 1 6  ? -0.331  6.533   1.829   1.00 15.31 ? 18  DA  B "C2'" 1 
ATOM   354 C  "C1'" . DA  B 1 6  ? -1.530  5.668   1.426   1.00 12.38 ? 18  DA  B "C1'" 1 
ATOM   355 N  N9    . DA  B 1 6  ? -1.284  4.761   0.319   1.00 10.07 ? 18  DA  B N9    1 
ATOM   356 C  C8    . DA  B 1 6  ? -0.838  5.044   -0.944  1.00 8.63  ? 18  DA  B C8    1 
ATOM   357 N  N7    . DA  B 1 6  ? -0.733  3.991   -1.716  1.00 8.30  ? 18  DA  B N7    1 
ATOM   358 C  C5    . DA  B 1 6  ? -1.225  2.956   -0.932  1.00 7.71  ? 18  DA  B C5    1 
ATOM   359 C  C6    . DA  B 1 6  ? -1.346  1.580   -1.166  1.00 7.07  ? 18  DA  B C6    1 
ATOM   360 N  N6    . DA  B 1 6  ? -1.115  1.024   -2.342  1.00 6.60  ? 18  DA  B N6    1 
ATOM   361 N  N1    . DA  B 1 6  ? -1.745  0.795   -0.136  1.00 6.73  ? 18  DA  B N1    1 
ATOM   362 C  C2    . DA  B 1 6  ? -2.050  1.376   1.023   1.00 6.77  ? 18  DA  B C2    1 
ATOM   363 N  N3    . DA  B 1 6  ? -1.977  2.667   1.367   1.00 7.45  ? 18  DA  B N3    1 
ATOM   364 C  C4    . DA  B 1 6  ? -1.510  3.401   0.341   1.00 7.97  ? 18  DA  B C4    1 
ATOM   365 P  P     . DT  B 1 7  ? 0.313   7.990   4.614   1.00 24.36 ? 19  DT  B P     1 
ATOM   366 O  OP1   . DT  B 1 7  ? -0.052  8.646   5.876   1.00 24.33 ? 19  DT  B OP1   1 
ATOM   367 O  OP2   . DT  B 1 7  ? 1.486   8.364   3.778   1.00 21.04 ? 19  DT  B OP2   1 
ATOM   368 O  "O5'" . DT  B 1 7  ? 0.443   6.443   4.961   1.00 17.63 ? 19  DT  B "O5'" 1 
ATOM   369 C  "C5'" . DT  B 1 7  ? -0.622  5.785   5.649   1.00 14.90 ? 19  DT  B "C5'" 1 
ATOM   370 C  "C4'" . DT  B 1 7  ? -0.313  4.309   5.736   1.00 14.21 ? 19  DT  B "C4'" 1 
ATOM   371 O  "O4'" . DT  B 1 7  ? -0.233  3.737   4.422   1.00 12.86 ? 19  DT  B "O4'" 1 
ATOM   372 C  "C3'" . DT  B 1 7  ? 1.026   3.988   6.409   1.00 12.37 ? 19  DT  B "C3'" 1 
ATOM   373 O  "O3'" . DT  B 1 7  ? 0.681   3.290   7.583   1.00 13.98 ? 19  DT  B "O3'" 1 
ATOM   374 C  "C2'" . DT  B 1 7  ? 1.816   3.190   5.382   1.00 11.63 ? 19  DT  B "C2'" 1 
ATOM   375 C  "C1'" . DT  B 1 7  ? 0.738   2.705   4.421   1.00 10.67 ? 19  DT  B "C1'" 1 
ATOM   376 N  N1    . DT  B 1 7  ? 1.158   2.488   3.027   1.00 8.99  ? 19  DT  B N1    1 
ATOM   377 C  C2    . DT  B 1 7  ? 0.980   1.243   2.460   1.00 7.82  ? 19  DT  B C2    1 
ATOM   378 O  O2    . DT  B 1 7  ? 0.510   0.298   3.062   1.00 8.20  ? 19  DT  B O2    1 
ATOM   379 N  N3    . DT  B 1 7  ? 1.330   1.161   1.139   1.00 8.00  ? 19  DT  B N3    1 
ATOM   380 C  C4    . DT  B 1 7  ? 1.823   2.171   0.342   1.00 7.82  ? 19  DT  B C4    1 
ATOM   381 O  O4    . DT  B 1 7  ? 2.097   1.931   -0.838  1.00 7.44  ? 19  DT  B O4    1 
ATOM   382 C  C5    . DT  B 1 7  ? 2.014   3.443   1.012   1.00 8.53  ? 19  DT  B C5    1 
ATOM   383 C  C7    . DT  B 1 7  ? 2.561   4.599   0.239   1.00 9.42  ? 19  DT  B C7    1 
ATOM   384 C  C6    . DT  B 1 7  ? 1.662   3.536   2.297   1.00 8.47  ? 19  DT  B C6    1 
ATOM   385 P  P     . DT  B 1 8  ? 1.792   2.871   8.647   1.00 16.40 ? 20  DT  B P     1 
ATOM   386 O  OP1   . DT  B 1 8  ? 1.102   2.821   9.979   1.00 18.85 ? 20  DT  B OP1   1 
ATOM   387 O  OP2   . DT  B 1 8  ? 2.974   3.750   8.438   1.00 16.56 ? 20  DT  B OP2   1 
ATOM   388 O  "O5'" . DT  B 1 8  ? 2.159   1.399   8.170   1.00 15.77 ? 20  DT  B "O5'" 1 
ATOM   389 C  "C5'" . DT  B 1 8  ? 1.137   0.410   8.044   1.00 14.72 ? 20  DT  B "C5'" 1 
ATOM   390 C  "C4'" . DT  B 1 8  ? 1.717   -0.838  7.423   1.00 14.29 ? 20  DT  B "C4'" 1 
ATOM   391 O  "O4'" . DT  B 1 8  ? 2.046   -0.579  6.048   1.00 12.58 ? 20  DT  B "O4'" 1 
ATOM   392 C  "C3'" . DT  B 1 8  ? 3.025   -1.308  8.071   1.00 14.06 ? 20  DT  B "C3'" 1 
ATOM   393 O  "O3'" . DT  B 1 8  ? 2.695   -2.608  8.514   1.00 17.44 ? 20  DT  B "O3'" 1 
ATOM   394 C  "C2'" . DT  B 1 8  ? 4.049   -1.285  6.938   1.00 13.13 ? 20  DT  B "C2'" 1 
ATOM   395 C  "C1'" . DT  B 1 8  ? 3.158   -1.353  5.708   1.00 13.02 ? 20  DT  B "C1'" 1 
ATOM   396 N  N1    . DT  B 1 8  ? 3.713   -0.752  4.509   1.00 10.23 ? 20  DT  B N1    1 
ATOM   397 C  C2    . DT  B 1 8  ? 3.763   -1.483  3.343   1.00 9.79  ? 20  DT  B C2    1 
ATOM   398 O  O2    . DT  B 1 8  ? 3.477   -2.661  3.284   1.00 10.41 ? 20  DT  B O2    1 
ATOM   399 N  N3    . DT  B 1 8  ? 4.235   -0.789  2.262   1.00 9.39  ? 20  DT  B N3    1 
ATOM   400 C  C4    . DT  B 1 8  ? 4.577   0.548   2.214   1.00 10.10 ? 20  DT  B C4    1 
ATOM   401 O  O4    . DT  B 1 8  ? 4.970   1.035   1.160   1.00 12.49 ? 20  DT  B O4    1 
ATOM   402 C  C5    . DT  B 1 8  ? 4.491   1.256   3.473   1.00 10.77 ? 20  DT  B C5    1 
ATOM   403 C  C7    . DT  B 1 8  ? 4.887   2.696   3.536   1.00 12.35 ? 20  DT  B C7    1 
ATOM   404 C  C6    . DT  B 1 8  ? 4.048   0.581   4.536   1.00 11.02 ? 20  DT  B C6    1 
ATOM   405 P  P     . DC  B 1 9  ? 3.709   -3.469  9.431   1.00 21.55 ? 21  DC  B P     1 
ATOM   406 O  OP1   . DC  B 1 9  ? 2.867   -4.314  10.299  1.00 20.56 ? 21  DC  B OP1   1 
ATOM   407 O  OP2   . DC  B 1 9  ? 4.758   -2.575  9.975   1.00 21.62 ? 21  DC  B OP2   1 
ATOM   408 O  "O5'" . DC  B 1 9  ? 4.462   -4.366  8.359   1.00 14.78 ? 21  DC  B "O5'" 1 
ATOM   409 C  "C5'" . DC  B 1 9  ? 3.701   -5.199  7.510   1.00 14.15 ? 21  DC  B "C5'" 1 
ATOM   410 C  "C4'" . DC  B 1 9  ? 4.600   -5.741  6.425   1.00 11.98 ? 21  DC  B "C4'" 1 
ATOM   411 O  "O4'" . DC  B 1 9  ? 4.960   -4.677  5.531   1.00 11.75 ? 21  DC  B "O4'" 1 
ATOM   412 C  "C3'" . DC  B 1 9  ? 5.915   -6.330  6.927   1.00 12.63 ? 21  DC  B "C3'" 1 
ATOM   413 O  "O3'" . DC  B 1 9  ? 5.763   -7.721  6.700   1.00 14.46 ? 21  DC  B "O3'" 1 
ATOM   414 C  "C2'" . DC  B 1 9  ? 6.992   -5.673  6.071   1.00 12.27 ? 21  DC  B "C2'" 1 
ATOM   415 C  "C1'" . DC  B 1 9  ? 6.199   -5.039  4.946   1.00 10.73 ? 21  DC  B "C1'" 1 
ATOM   416 N  N1    . DC  B 1 9  ? 6.760   -3.823  4.384   1.00 10.26 ? 21  DC  B N1    1 
ATOM   417 C  C2    . DC  B 1 9  ? 6.907   -3.751  2.996   1.00 9.03  ? 21  DC  B C2    1 
ATOM   418 O  O2    . DC  B 1 9  ? 6.804   -4.787  2.334   1.00 10.12 ? 21  DC  B O2    1 
ATOM   419 N  N3    . DC  B 1 9  ? 7.284   -2.575  2.437   1.00 8.35  ? 21  DC  B N3    1 
ATOM   420 C  C4    . DC  B 1 9  ? 7.393   -1.479  3.195   1.00 8.29  ? 21  DC  B C4    1 
ATOM   421 N  N4    . DC  B 1 9  ? 7.752   -0.350  2.604   1.00 9.13  ? 21  DC  B N4    1 
ATOM   422 C  C5    . DC  B 1 9  ? 7.207   -1.517  4.610   1.00 9.36  ? 21  DC  B C5    1 
ATOM   423 C  C6    . DC  B 1 9  ? 6.864   -2.695  5.151   1.00 8.41  ? 21  DC  B C6    1 
ATOM   424 P  P     . DG  B 1 10 ? 6.772   -8.767  7.399   1.00 16.63 ? 22  DG  B P     1 
ATOM   425 O  OP1   . DG  B 1 10 ? 6.133   -10.111 7.346   1.00 20.58 ? 22  DG  B OP1   1 
ATOM   426 O  OP2   . DG  B 1 10 ? 7.290   -8.164  8.608   1.00 15.94 ? 22  DG  B OP2   1 
ATOM   427 O  "O5'" . DG  B 1 10 ? 7.997   -8.844  6.375   1.00 15.22 ? 22  DG  B "O5'" 1 
ATOM   428 C  "C5'" . DG  B 1 10 ? 7.793   -9.356  5.086   1.00 14.16 ? 22  DG  B "C5'" 1 
ATOM   429 C  "C4'" . DG  B 1 10 ? 9.066   -9.119  4.306   1.00 14.50 ? 22  DG  B "C4'" 1 
ATOM   430 O  "O4'" . DG  B 1 10 ? 9.122   -7.713  3.967   1.00 12.78 ? 22  DG  B "O4'" 1 
ATOM   431 C  "C3'" . DG  B 1 10 ? 10.348  -9.408  5.083   1.00 14.40 ? 22  DG  B "C3'" 1 
ATOM   432 O  "O3'" . DG  B 1 10 ? 11.292  -9.996  4.194   1.00 15.53 ? 22  DG  B "O3'" 1 
ATOM   433 C  "C2'" . DG  B 1 10 ? 10.856  -8.034  5.448   1.00 13.69 ? 22  DG  B "C2'" 1 
ATOM   434 C  "C1'" . DG  B 1 10 ? 10.427  -7.292  4.204   1.00 11.91 ? 22  DG  B "C1'" 1 
ATOM   435 N  N9    . DG  B 1 10 ? 10.404  -5.852  4.277   1.00 9.45  ? 22  DG  B N9    1 
ATOM   436 C  C8    . DG  B 1 10 ? 10.255  -5.057  5.387   1.00 8.93  ? 22  DG  B C8    1 
ATOM   437 N  N7    . DG  B 1 10 ? 10.313  -3.788  5.114   1.00 8.86  ? 22  DG  B N7    1 
ATOM   438 C  C5    . DG  B 1 10 ? 10.537  -3.744  3.743   1.00 7.82  ? 22  DG  B C5    1 
ATOM   439 C  C6    . DG  B 1 10 ? 10.633  -2.643  2.871   1.00 6.91  ? 22  DG  B C6    1 
ATOM   440 O  O6    . DG  B 1 10 ? 10.583  -1.450  3.143   1.00 7.33  ? 22  DG  B O6    1 
ATOM   441 N  N1    . DG  B 1 10 ? 10.854  -3.056  1.554   1.00 6.77  ? 22  DG  B N1    1 
ATOM   442 C  C2    . DG  B 1 10 ? 10.925  -4.359  1.133   1.00 7.25  ? 22  DG  B C2    1 
ATOM   443 N  N2    . DG  B 1 10 ? 11.142  -4.559  -0.169  1.00 6.80  ? 22  DG  B N2    1 
ATOM   444 N  N3    . DG  B 1 10 ? 10.783  -5.395  1.933   1.00 7.59  ? 22  DG  B N3    1 
ATOM   445 C  C4    . DG  B 1 10 ? 10.579  -5.013  3.215   1.00 8.38  ? 22  DG  B C4    1 
ATOM   446 P  P     . DC  B 1 11 ? 12.474  -10.944 4.737   1.00 17.73 ? 23  DC  B P     1 
ATOM   447 O  OP1   . DC  B 1 11 ? 11.869  -12.292 4.909   1.00 18.01 ? 23  DC  B OP1   1 
ATOM   448 O  OP2   . DC  B 1 11 ? 13.249  -10.231 5.801   1.00 17.09 ? 23  DC  B OP2   1 
ATOM   449 O  "O5'" . DC  B 1 11 ? 13.373  -11.093 3.422   1.00 16.31 ? 23  DC  B "O5'" 1 
ATOM   450 C  "C5'" . DC  B 1 11 ? 12.788  -11.547 2.186   1.00 13.93 ? 23  DC  B "C5'" 1 
ATOM   451 C  "C4'" . DC  B 1 11 ? 13.228  -10.686 1.021   1.00 12.99 ? 23  DC  B "C4'" 1 
ATOM   452 O  "O4'" . DC  B 1 11 ? 12.655  -9.367  1.121   1.00 11.50 ? 23  DC  B "O4'" 1 
ATOM   453 C  "C3'" . DC  B 1 11 ? 14.728  -10.429 0.891   1.00 12.47 ? 23  DC  B "C3'" 1 
ATOM   454 O  "O3'" . DC  B 1 11 ? 15.368  -11.440 0.119   1.00 13.30 ? 23  DC  B "O3'" 1 
ATOM   455 C  "C2'" . DC  B 1 11 ? 14.766  -9.159  0.082   1.00 11.13 ? 23  DC  B "C2'" 1 
ATOM   456 C  "C1'" . DC  B 1 11 ? 13.572  -8.396  0.592   1.00 10.94 ? 23  DC  B "C1'" 1 
ATOM   457 N  N1    . DC  B 1 11 ? 13.805  -7.378  1.623   1.00 8.56  ? 23  DC  B N1    1 
ATOM   458 C  C2    . DC  B 1 11 ? 14.109  -6.082  1.216   1.00 7.69  ? 23  DC  B C2    1 
ATOM   459 O  O2    . DC  B 1 11 ? 14.234  -5.855  -0.008  1.00 7.27  ? 23  DC  B O2    1 
ATOM   460 N  N3    . DC  B 1 11 ? 14.170  -5.097  2.148   1.00 7.05  ? 23  DC  B N3    1 
ATOM   461 C  C4    . DC  B 1 11 ? 14.032  -5.399  3.439   1.00 6.98  ? 23  DC  B C4    1 
ATOM   462 N  N4    . DC  B 1 11 ? 14.155  -4.430  4.325   1.00 7.23  ? 23  DC  B N4    1 
ATOM   463 C  C5    . DC  B 1 11 ? 13.825  -6.741  3.881   1.00 7.39  ? 23  DC  B C5    1 
ATOM   464 C  C6    . DC  B 1 11 ? 13.769  -7.693  2.948   1.00 8.14  ? 23  DC  B C6    1 
ATOM   465 P  P     . DG  B 1 12 ? 16.940  -11.637 0.236   1.00 14.38 ? 24  DG  B P     1 
ATOM   466 O  OP1   . DG  B 1 12 ? 17.259  -12.981 -0.325  1.00 15.50 ? 24  DG  B OP1   1 
ATOM   467 O  OP2   . DG  B 1 12 ? 17.402  -11.305 1.611   1.00 13.96 ? 24  DG  B OP2   1 
ATOM   468 O  "O5'" . DG  B 1 12 ? 17.543  -10.480 -0.707  1.00 12.69 ? 24  DG  B "O5'" 1 
ATOM   469 C  "C5'" . DG  B 1 12 ? 17.246  -10.415 -2.115  1.00 10.09 ? 24  DG  B "C5'" 1 
ATOM   470 C  "C4'" . DG  B 1 12 ? 17.738  -9.094  -2.667  1.00 9.00  ? 24  DG  B "C4'" 1 
ATOM   471 O  "O4'" . DG  B 1 12 ? 16.983  -8.005  -2.084  1.00 8.26  ? 24  DG  B "O4'" 1 
ATOM   472 C  "C3'" . DG  B 1 12 ? 19.185  -8.762  -2.341  1.00 8.70  ? 24  DG  B "C3'" 1 
ATOM   473 O  "O3'" . DG  B 1 12 ? 20.085  -9.321  -3.308  1.00 8.61  ? 24  DG  B "O3'" 1 
ATOM   474 C  "C2'" . DG  B 1 12 ? 19.199  -7.242  -2.395  1.00 8.08  ? 24  DG  B "C2'" 1 
ATOM   475 C  "C1'" . DG  B 1 12 ? 17.849  -6.875  -1.824  1.00 7.29  ? 24  DG  B "C1'" 1 
ATOM   476 N  N9    . DG  B 1 12 ? 17.801  -6.579  -0.391  1.00 6.47  ? 24  DG  B N9    1 
ATOM   477 C  C8    . DG  B 1 12 ? 17.655  -7.477  0.638   1.00 6.51  ? 24  DG  B C8    1 
ATOM   478 N  N7    . DG  B 1 12 ? 17.509  -6.901  1.803   1.00 6.31  ? 24  DG  B N7    1 
ATOM   479 C  C5    . DG  B 1 12 ? 17.599  -5.544  1.529   1.00 5.54  ? 24  DG  B C5    1 
ATOM   480 C  C6    . DG  B 1 12 ? 17.457  -4.430  2.384   1.00 5.53  ? 24  DG  B C6    1 
ATOM   481 O  O6    . DG  B 1 12 ? 17.307  -4.431  3.604   1.00 6.22  ? 24  DG  B O6    1 
ATOM   482 N  N1    . DG  B 1 12 ? 17.572  -3.228  1.693   1.00 5.20  ? 24  DG  B N1    1 
ATOM   483 C  C2    . DG  B 1 12 ? 17.773  -3.115  0.346   1.00 5.52  ? 24  DG  B C2    1 
ATOM   484 N  N2    . DG  B 1 12 ? 17.889  -1.864  -0.136  1.00 5.64  ? 24  DG  B N2    1 
ATOM   485 N  N3    . DG  B 1 12 ? 17.830  -4.148  -0.473  1.00 5.30  ? 24  DG  B N3    1 
ATOM   486 C  C4    . DG  B 1 12 ? 17.756  -5.324  0.181   1.00 5.86  ? 24  DG  B C4    1 
HETATM 487 C  C1    . D1B C 2 .  ? -3.199  2.437   5.371   1.00 20.64 ? 101 D1B A C1    1 
HETATM 488 S  S2    . D1B C 2 .  ? -2.478  1.213   4.523   1.00 21.07 ? 101 D1B A S2    1 
HETATM 489 C  C3    . D1B C 2 .  ? -2.207  0.256   5.764   1.00 17.61 ? 101 D1B A C3    1 
HETATM 490 C  C4    . D1B C 2 .  ? -2.681  0.812   6.909   1.00 20.02 ? 101 D1B A C4    1 
HETATM 491 C  C5    . D1B C 2 .  ? -3.265  2.034   6.678   1.00 22.89 ? 101 D1B A C5    1 
HETATM 492 C  C6    . D1B C 2 .  ? -1.598  -0.922  5.661   1.00 15.98 ? 101 D1B A C6    1 
HETATM 493 N  N7    . D1B C 2 .  ? -1.586  -1.851  6.594   1.00 15.61 ? 101 D1B A N7    1 
HETATM 494 C  C8    . D1B C 2 .  ? -0.843  -2.914  6.152   1.00 15.08 ? 101 D1B A C8    1 
HETATM 495 C  C9    . D1B C 2 .  ? -0.370  -2.635  4.942   1.00 13.60 ? 101 D1B A C9    1 
HETATM 496 N  N10   . D1B C 2 .  ? -0.864  -1.344  4.675   1.00 15.12 ? 101 D1B A N10   1 
HETATM 497 C  C11   . D1B C 2 .  ? -0.526  -4.076  6.723   1.00 14.47 ? 101 D1B A C11   1 
HETATM 498 C  C12   . D1B C 2 .  ? 0.253   -5.031  6.080   1.00 13.86 ? 101 D1B A C12   1 
HETATM 499 C  C13   . D1B C 2 .  ? 0.760   -4.777  4.797   1.00 13.16 ? 101 D1B A C13   1 
HETATM 500 C  C14   . D1B C 2 .  ? 0.383   -3.474  4.271   1.00 10.76 ? 101 D1B A C14   1 
HETATM 501 C  C15   . D1B C 2 .  ? -3.756  3.536   4.846   1.00 20.96 ? 101 D1B A C15   1 
HETATM 502 C  C16   . D1B C 2 .  ? -4.198  3.527   3.538   1.00 22.39 ? 101 D1B A C16   1 
HETATM 503 C  C17   . D1B C 2 .  ? -4.821  4.652   2.962   1.00 26.45 ? 101 D1B A C17   1 
HETATM 504 C  C18   . D1B C 2 .  ? -5.060  5.823   3.685   1.00 28.47 ? 101 D1B A C18   1 
HETATM 505 C  C19   . D1B C 2 .  ? -4.647  5.816   5.029   1.00 25.97 ? 101 D1B A C19   1 
HETATM 506 C  C20   . D1B C 2 .  ? -4.003  4.693   5.607   1.00 21.99 ? 101 D1B A C20   1 
HETATM 507 C  C21   . D1B C 2 .  ? 1.609   -5.732  4.166   1.00 13.62 ? 101 D1B A C21   1 
HETATM 508 N  N22   . D1B C 2 .  ? 1.659   -7.017  4.557   1.00 14.79 ? 101 D1B A N22   1 
HETATM 509 N  N23   . D1B C 2 .  ? 2.473   -5.378  3.258   1.00 14.77 ? 101 D1B A N23   1 
HETATM 510 C  C24   . D1B C 2 .  ? -5.744  6.899   3.030   1.00 32.35 ? 101 D1B A C24   1 
HETATM 511 N  N25   . D1B C 2 .  ? -6.787  6.617   2.229   1.00 32.72 ? 101 D1B A N25   1 
HETATM 512 N  N26   . D1B C 2 .  ? -5.407  8.182   3.244   1.00 33.98 ? 101 D1B A N26   1 
HETATM 513 MG MG    . MG  D 3 .  ? -1.373  -12.480 -3.475  1.00 11.15 ? 102 MG  A MG    1 
HETATM 514 O  O     . HOH E 4 .  ? -11.664 4.012   6.992   1.00 24.37 ? 201 HOH A O     1 
HETATM 515 O  O     . HOH E 4 .  ? 13.875  5.310   1.592   1.00 18.45 ? 202 HOH A O     1 
HETATM 516 O  O     . HOH E 4 .  ? -2.707  -7.580  7.717   1.00 27.46 ? 203 HOH A O     1 
HETATM 517 O  O     . HOH E 4 .  ? -7.329  -6.204  2.818   1.00 17.01 ? 204 HOH A O     1 
HETATM 518 O  O     . HOH E 4 .  ? 17.125  5.382   -5.865  1.00 31.52 ? 205 HOH A O     1 
HETATM 519 O  O     . HOH E 4 .  ? 0.920   -2.806  -5.176  1.00 26.25 ? 206 HOH A O     1 
HETATM 520 O  O     . HOH E 4 .  ? -16.700 10.011  1.390   1.00 29.88 ? 207 HOH A O     1 
HETATM 521 O  O     . HOH E 4 .  ? -6.083  -2.955  -3.382  1.00 16.73 ? 208 HOH A O     1 
HETATM 522 O  O     . HOH E 4 .  ? -2.247  -2.314  -5.007  1.00 16.13 ? 209 HOH A O     1 
HETATM 523 O  O     . HOH E 4 .  ? -11.963 0.247   4.103   1.00 19.66 ? 210 HOH A O     1 
HETATM 524 O  O     . HOH E 4 .  ? -7.374  9.885   2.608   1.00 28.04 ? 211 HOH A O     1 
HETATM 525 O  O     . HOH E 4 .  ? -2.008  -10.685 -2.628  1.00 8.51  ? 212 HOH A O     1 
HETATM 526 O  O     . HOH E 4 .  ? 4.952   -11.860 -2.513  1.00 21.38 ? 213 HOH A O     1 
HETATM 527 O  O     . HOH E 4 .  ? 13.173  -0.585  5.543   1.00 8.29  ? 214 HOH A O     1 
HETATM 528 O  O     . HOH E 4 .  ? 8.577   -6.441  -3.219  1.00 13.85 ? 215 HOH A O     1 
HETATM 529 O  O     . HOH E 4 .  ? 0.511   -12.288 -2.584  1.00 13.47 ? 216 HOH A O     1 
HETATM 530 O  O     . HOH E 4 .  ? 13.047  2.130   4.466   1.00 11.07 ? 217 HOH A O     1 
HETATM 531 O  O     . HOH E 4 .  ? -12.236 -1.425  1.369   1.00 21.19 ? 218 HOH A O     1 
HETATM 532 O  O     . HOH E 4 .  ? -9.474  7.431   0.434   1.00 16.97 ? 219 HOH A O     1 
HETATM 533 O  O     . HOH E 4 .  ? -1.294  -13.326 0.783   1.00 10.00 ? 220 HOH A O     1 
HETATM 534 O  O     . HOH E 4 .  ? -12.749 14.732  -6.578  1.00 27.54 ? 221 HOH A O     1 
HETATM 535 O  O     . HOH E 4 .  ? -9.751  -2.771  0.366   1.00 9.31  ? 222 HOH A O     1 
HETATM 536 O  O     . HOH E 4 .  ? -4.103  -7.591  -0.747  1.00 8.94  ? 223 HOH A O     1 
HETATM 537 O  O     . HOH E 4 .  ? -15.419 4.813   3.726   1.00 18.77 ? 224 HOH A O     1 
HETATM 538 O  O     . HOH E 4 .  ? -0.620  -11.371 -5.081  1.00 8.76  ? 225 HOH A O     1 
HETATM 539 O  O     . HOH E 4 .  ? 9.860   3.495   1.467   1.00 23.46 ? 226 HOH A O     1 
HETATM 540 O  O     . HOH E 4 .  ? -8.204  11.227  4.551   1.00 22.82 ? 227 HOH A O     1 
HETATM 541 O  O     . HOH E 4 .  ? -0.553  -7.351  -4.420  1.00 17.39 ? 228 HOH A O     1 
HETATM 542 O  O     . HOH E 4 .  ? 1.379   -0.366  -5.201  1.00 19.74 ? 229 HOH A O     1 
HETATM 543 O  O     . HOH E 4 .  ? 2.962   -13.867 -5.583  1.00 30.98 ? 230 HOH A O     1 
HETATM 544 O  O     . HOH E 4 .  ? 14.422  -2.134  7.495   1.00 20.70 ? 231 HOH A O     1 
HETATM 545 O  O     . HOH E 4 .  ? 6.507   -8.198  -1.717  1.00 33.43 ? 232 HOH A O     1 
HETATM 546 O  O     . HOH E 4 .  ? 13.565  5.031   -8.990  1.00 27.94 ? 233 HOH A O     1 
HETATM 547 O  O     . HOH E 4 .  ? 19.339  -1.052  6.424   1.00 19.94 ? 234 HOH A O     1 
HETATM 548 O  O     . HOH E 4 .  ? 9.237   -7.601  -5.473  1.00 23.77 ? 235 HOH A O     1 
HETATM 549 O  O     . HOH E 4 .  ? -3.010  -8.506  -3.960  1.00 16.11 ? 236 HOH A O     1 
HETATM 550 O  O     . HOH E 4 .  ? -8.912  -3.884  3.030   1.00 15.28 ? 237 HOH A O     1 
HETATM 551 O  O     . HOH E 4 .  ? 1.250   -13.352 -0.176  1.00 13.93 ? 238 HOH A O     1 
HETATM 552 O  O     . HOH E 4 .  ? 20.347  2.455   7.495   1.00 11.35 ? 239 HOH A O     1 
HETATM 553 O  O     . HOH E 4 .  ? 11.664  5.432   0.157   1.00 27.81 ? 240 HOH A O     1 
HETATM 554 O  O     . HOH E 4 .  ? 17.598  0.001   8.908   1.00 19.52 ? 241 HOH A O     1 
HETATM 555 O  O     . HOH E 4 .  ? 8.814   4.084   3.749   1.00 18.16 ? 242 HOH A O     1 
HETATM 556 O  O     . HOH F 4 .  ? -0.273  9.806   -2.734  1.00 27.21 ? 101 HOH B O     1 
HETATM 557 O  O     . HOH F 4 .  ? -21.439 -2.843  -8.211  1.00 25.37 ? 102 HOH B O     1 
HETATM 558 O  O     . HOH F 4 .  ? -15.958 -3.412  -4.770  1.00 22.52 ? 103 HOH B O     1 
HETATM 559 O  O     . HOH F 4 .  ? 15.597  -9.416  5.599   1.00 20.65 ? 104 HOH B O     1 
HETATM 560 O  O     . HOH F 4 .  ? 17.592  -6.119  5.447   1.00 29.23 ? 105 HOH B O     1 
HETATM 561 O  O     . HOH F 4 .  ? -15.158 0.453   -12.583 1.00 17.76 ? 106 HOH B O     1 
HETATM 562 O  O     . HOH F 4 .  ? 3.140   3.238   -2.785  1.00 23.18 ? 107 HOH B O     1 
HETATM 563 O  O     . HOH F 4 .  ? -14.854 -0.804  -0.704  1.00 27.57 ? 108 HOH B O     1 
HETATM 564 O  O     . HOH F 4 .  ? -2.809  2.227   -6.024  1.00 23.78 ? 109 HOH B O     1 
HETATM 565 O  O     . HOH F 4 .  ? -10.320 -1.754  -7.995  1.00 23.01 ? 110 HOH B O     1 
HETATM 566 O  O     . HOH F 4 .  ? 0.293   4.310   -4.124  1.00 24.22 ? 111 HOH B O     1 
HETATM 567 O  O     . HOH F 4 .  ? 18.892  -12.951 3.074   1.00 25.13 ? 112 HOH B O     1 
HETATM 568 O  O     . HOH F 4 .  ? 9.990   -2.187  7.254   1.00 15.04 ? 113 HOH B O     1 
HETATM 569 O  O     . HOH F 4 .  ? 20.094  -10.481 -5.756  1.00 28.34 ? 114 HOH B O     1 
HETATM 570 O  O     . HOH F 4 .  ? -8.322  -1.608  -3.888  1.00 13.27 ? 115 HOH B O     1 
HETATM 571 O  O     . HOH F 4 .  ? 10.540  0.459   5.085   1.00 9.02  ? 116 HOH B O     1 
HETATM 572 O  O     . HOH F 4 .  ? -0.683  6.619   -5.418  1.00 28.22 ? 117 HOH B O     1 
HETATM 573 O  O     . HOH F 4 .  ? 12.569  -9.579  8.394   1.00 26.57 ? 118 HOH B O     1 
HETATM 574 O  O     . HOH F 4 .  ? -14.960 0.581   1.021   1.00 24.24 ? 119 HOH B O     1 
HETATM 575 O  O     . HOH F 4 .  ? 17.317  -9.096  3.569   1.00 19.25 ? 120 HOH B O     1 
HETATM 576 O  O     . HOH F 4 .  ? 10.095  -7.962  0.730   1.00 18.90 ? 121 HOH B O     1 
HETATM 577 O  O     . HOH F 4 .  ? -11.852 -3.064  -2.949  1.00 24.44 ? 122 HOH B O     1 
HETATM 578 O  O     . HOH F 4 .  ? 6.172   -7.637  2.038   1.00 27.06 ? 123 HOH B O     1 
HETATM 579 O  O     . HOH F 4 .  ? -3.977  -0.019  -5.710  1.00 24.45 ? 124 HOH B O     1 
HETATM 580 O  O     . HOH F 4 .  ? 3.366   6.081   3.645   1.00 21.92 ? 125 HOH B O     1 
HETATM 581 O  O     . HOH F 4 .  ? -6.339  10.422  -0.105  1.00 26.02 ? 126 HOH B O     1 
HETATM 582 O  O     . HOH F 4 .  ? -0.024  1.963   -4.979  1.00 22.88 ? 127 HOH B O     1 
HETATM 583 O  O     . HOH F 4 .  ? 13.674  -5.286  7.182   1.00 17.32 ? 128 HOH B O     1 
HETATM 584 O  O     . HOH F 4 .  ? 8.243   1.860   4.676   1.00 11.12 ? 129 HOH B O     1 
HETATM 585 O  O     . HOH F 4 .  ? 1.040   -6.923  9.776   1.00 29.45 ? 130 HOH B O     1 
HETATM 586 O  O     . HOH F 4 .  ? 1.234   7.761   -1.295  1.00 20.05 ? 131 HOH B O     1 
# 
loop_
_pdbx_poly_seq_scheme.asym_id 
_pdbx_poly_seq_scheme.entity_id 
_pdbx_poly_seq_scheme.seq_id 
_pdbx_poly_seq_scheme.mon_id 
_pdbx_poly_seq_scheme.ndb_seq_num 
_pdbx_poly_seq_scheme.pdb_seq_num 
_pdbx_poly_seq_scheme.auth_seq_num 
_pdbx_poly_seq_scheme.pdb_mon_id 
_pdbx_poly_seq_scheme.auth_mon_id 
_pdbx_poly_seq_scheme.pdb_strand_id 
_pdbx_poly_seq_scheme.pdb_ins_code 
_pdbx_poly_seq_scheme.hetero 
A 1 1  DC 1  1  1  DC DC A . n 
A 1 2  DG 2  2  2  DG DG A . n 
A 1 3  DC 3  3  3  DC DC A . n 
A 1 4  DG 4  4  4  DG DG A . n 
A 1 5  DA 5  5  5  DA DA A . n 
A 1 6  DA 6  6  6  DA DA A . n 
A 1 7  DT 7  7  7  DT DT A . n 
A 1 8  DT 8  8  8  DT DT A . n 
A 1 9  DC 9  9  9  DC DC A . n 
A 1 10 DG 10 10 10 DG DG A . n 
A 1 11 DC 11 11 11 DC DC A . n 
A 1 12 DG 12 12 12 DG DG A . n 
B 1 1  DC 1  13 13 DC DC B . n 
B 1 2  DG 2  14 14 DG DG B . n 
B 1 3  DC 3  15 15 DC DC B . n 
B 1 4  DG 4  16 16 DG DG B . n 
B 1 5  DA 5  17 17 DA DA B . n 
B 1 6  DA 6  18 18 DA DA B . n 
B 1 7  DT 7  19 19 DT DT B . n 
B 1 8  DT 8  20 20 DT DT B . n 
B 1 9  DC 9  21 21 DC DC B . n 
B 1 10 DG 10 22 22 DG DG B . n 
B 1 11 DC 11 23 23 DC DC B . n 
B 1 12 DG 12 24 24 DG DG B . n 
# 
loop_
_pdbx_nonpoly_scheme.asym_id 
_pdbx_nonpoly_scheme.entity_id 
_pdbx_nonpoly_scheme.mon_id 
_pdbx_nonpoly_scheme.ndb_seq_num 
_pdbx_nonpoly_scheme.pdb_seq_num 
_pdbx_nonpoly_scheme.auth_seq_num 
_pdbx_nonpoly_scheme.pdb_mon_id 
_pdbx_nonpoly_scheme.auth_mon_id 
_pdbx_nonpoly_scheme.pdb_strand_id 
_pdbx_nonpoly_scheme.pdb_ins_code 
C 2 D1B 1  101 101 D1B LIG A . 
D 3 MG  1  102 1   MG  MG  A . 
E 4 HOH 1  201 26  HOH HOH A . 
E 4 HOH 2  202 19  HOH HOH A . 
E 4 HOH 3  203 62  HOH HOH A . 
E 4 HOH 4  204 53  HOH HOH A . 
E 4 HOH 5  205 56  HOH HOH A . 
E 4 HOH 6  206 36  HOH HOH A . 
E 4 HOH 7  207 55  HOH HOH A . 
E 4 HOH 8  208 13  HOH HOH A . 
E 4 HOH 9  209 14  HOH HOH A . 
E 4 HOH 10 210 27  HOH HOH A . 
E 4 HOH 11 211 73  HOH HOH A . 
E 4 HOH 12 212 2   HOH HOH A . 
E 4 HOH 13 213 38  HOH HOH A . 
E 4 HOH 14 214 3   HOH HOH A . 
E 4 HOH 15 215 39  HOH HOH A . 
E 4 HOH 16 216 6   HOH HOH A . 
E 4 HOH 17 217 4   HOH HOH A . 
E 4 HOH 18 218 48  HOH HOH A . 
E 4 HOH 19 219 44  HOH HOH A . 
E 4 HOH 20 220 18  HOH HOH A . 
E 4 HOH 21 221 69  HOH HOH A . 
E 4 HOH 22 222 11  HOH HOH A . 
E 4 HOH 23 223 8   HOH HOH A . 
E 4 HOH 24 224 24  HOH HOH A . 
E 4 HOH 25 225 1   HOH HOH A . 
E 4 HOH 26 226 29  HOH HOH A . 
E 4 HOH 27 227 45  HOH HOH A . 
E 4 HOH 28 228 37  HOH HOH A . 
E 4 HOH 29 229 35  HOH HOH A . 
E 4 HOH 30 230 71  HOH HOH A . 
E 4 HOH 31 231 22  HOH HOH A . 
E 4 HOH 32 232 75  HOH HOH A . 
E 4 HOH 33 233 42  HOH HOH A . 
E 4 HOH 34 234 59  HOH HOH A . 
E 4 HOH 35 235 40  HOH HOH A . 
E 4 HOH 36 236 7   HOH HOH A . 
E 4 HOH 37 237 10  HOH HOH A . 
E 4 HOH 38 238 30  HOH HOH A . 
E 4 HOH 39 239 9   HOH HOH A . 
E 4 HOH 40 240 60  HOH HOH A . 
E 4 HOH 41 241 65  HOH HOH A . 
E 4 HOH 42 242 52  HOH HOH A . 
F 4 HOH 1  101 28  HOH HOH B . 
F 4 HOH 2  102 46  HOH HOH B . 
F 4 HOH 3  103 74  HOH HOH B . 
F 4 HOH 4  104 51  HOH HOH B . 
F 4 HOH 5  105 70  HOH HOH B . 
F 4 HOH 6  106 20  HOH HOH B . 
F 4 HOH 7  107 15  HOH HOH B . 
F 4 HOH 8  108 54  HOH HOH B . 
F 4 HOH 9  109 43  HOH HOH B . 
F 4 HOH 10 110 47  HOH HOH B . 
F 4 HOH 11 111 32  HOH HOH B . 
F 4 HOH 12 112 68  HOH HOH B . 
F 4 HOH 13 113 17  HOH HOH B . 
F 4 HOH 14 114 67  HOH HOH B . 
F 4 HOH 15 115 12  HOH HOH B . 
F 4 HOH 16 116 5   HOH HOH B . 
F 4 HOH 17 117 64  HOH HOH B . 
F 4 HOH 18 118 58  HOH HOH B . 
F 4 HOH 19 119 25  HOH HOH B . 
F 4 HOH 20 120 21  HOH HOH B . 
F 4 HOH 21 121 41  HOH HOH B . 
F 4 HOH 22 122 50  HOH HOH B . 
F 4 HOH 23 123 57  HOH HOH B . 
F 4 HOH 24 124 49  HOH HOH B . 
F 4 HOH 25 125 34  HOH HOH B . 
F 4 HOH 26 126 72  HOH HOH B . 
F 4 HOH 27 127 31  HOH HOH B . 
F 4 HOH 28 128 23  HOH HOH B . 
F 4 HOH 29 129 16  HOH HOH B . 
F 4 HOH 30 130 63  HOH HOH B . 
F 4 HOH 31 131 33  HOH HOH B . 
# 
_pdbx_struct_assembly.id                   1 
_pdbx_struct_assembly.details              author_and_software_defined_assembly 
_pdbx_struct_assembly.method_details       PISA 
_pdbx_struct_assembly.oligomeric_details   dimeric 
_pdbx_struct_assembly.oligomeric_count     2 
# 
_pdbx_struct_assembly_gen.assembly_id       1 
_pdbx_struct_assembly_gen.oper_expression   1 
_pdbx_struct_assembly_gen.asym_id_list      A,B,C,D,E,F 
# 
loop_
_pdbx_struct_assembly_prop.biol_id 
_pdbx_struct_assembly_prop.type 
_pdbx_struct_assembly_prop.value 
_pdbx_struct_assembly_prop.details 
1 'ABSA (A^2)' 2110 ? 
1 MORE         -7   ? 
1 'SSA (A^2)'  4210 ? 
# 
_pdbx_struct_oper_list.id                   1 
_pdbx_struct_oper_list.type                 'identity operation' 
_pdbx_struct_oper_list.name                 1_555 
_pdbx_struct_oper_list.symmetry_operation   x,y,z 
_pdbx_struct_oper_list.matrix[1][1]         1.0000000000 
_pdbx_struct_oper_list.matrix[1][2]         0.0000000000 
_pdbx_struct_oper_list.matrix[1][3]         0.0000000000 
_pdbx_struct_oper_list.vector[1]            0.0000000000 
_pdbx_struct_oper_list.matrix[2][1]         0.0000000000 
_pdbx_struct_oper_list.matrix[2][2]         1.0000000000 
_pdbx_struct_oper_list.matrix[2][3]         0.0000000000 
_pdbx_struct_oper_list.vector[2]            0.0000000000 
_pdbx_struct_oper_list.matrix[3][1]         0.0000000000 
_pdbx_struct_oper_list.matrix[3][2]         0.0000000000 
_pdbx_struct_oper_list.matrix[3][3]         1.0000000000 
_pdbx_struct_oper_list.vector[3]            0.0000000000 
# 
loop_
_pdbx_struct_conn_angle.id 
_pdbx_struct_conn_angle.ptnr1_label_atom_id 
_pdbx_struct_conn_angle.ptnr1_label_alt_id 
_pdbx_struct_conn_angle.ptnr1_label_asym_id 
_pdbx_struct_conn_angle.ptnr1_label_comp_id 
_pdbx_struct_conn_angle.ptnr1_label_seq_id 
_pdbx_struct_conn_angle.ptnr1_auth_atom_id 
_pdbx_struct_conn_angle.ptnr1_auth_asym_id 
_pdbx_struct_conn_angle.ptnr1_auth_comp_id 
_pdbx_struct_conn_angle.ptnr1_auth_seq_id 
_pdbx_struct_conn_angle.ptnr1_PDB_ins_code 
_pdbx_struct_conn_angle.ptnr1_symmetry 
_pdbx_struct_conn_angle.ptnr2_label_atom_id 
_pdbx_struct_conn_angle.ptnr2_label_alt_id 
_pdbx_struct_conn_angle.ptnr2_label_asym_id 
_pdbx_struct_conn_angle.ptnr2_label_comp_id 
_pdbx_struct_conn_angle.ptnr2_label_seq_id 
_pdbx_struct_conn_angle.ptnr2_auth_atom_id 
_pdbx_struct_conn_angle.ptnr2_auth_asym_id 
_pdbx_struct_conn_angle.ptnr2_auth_comp_id 
_pdbx_struct_conn_angle.ptnr2_auth_seq_id 
_pdbx_struct_conn_angle.ptnr2_PDB_ins_code 
_pdbx_struct_conn_angle.ptnr2_symmetry 
_pdbx_struct_conn_angle.ptnr3_label_atom_id 
_pdbx_struct_conn_angle.ptnr3_label_alt_id 
_pdbx_struct_conn_angle.ptnr3_label_asym_id 
_pdbx_struct_conn_angle.ptnr3_label_comp_id 
_pdbx_struct_conn_angle.ptnr3_label_seq_id 
_pdbx_struct_conn_angle.ptnr3_auth_atom_id 
_pdbx_struct_conn_angle.ptnr3_auth_asym_id 
_pdbx_struct_conn_angle.ptnr3_auth_comp_id 
_pdbx_struct_conn_angle.ptnr3_auth_seq_id 
_pdbx_struct_conn_angle.ptnr3_PDB_ins_code 
_pdbx_struct_conn_angle.ptnr3_symmetry 
_pdbx_struct_conn_angle.value 
_pdbx_struct_conn_angle.value_esd 
1  O ? E HOH . ? A HOH 212 ? 1_555 MG ? D MG . ? A MG 102 ? 1_555 O ? E HOH . ? A HOH 214 ? 3_645 91.5  ? 
2  O ? E HOH . ? A HOH 212 ? 1_555 MG ? D MG . ? A MG 102 ? 1_555 O ? E HOH . ? A HOH 216 ? 1_555 91.3  ? 
3  O ? E HOH . ? A HOH 214 ? 3_645 MG ? D MG . ? A MG 102 ? 1_555 O ? E HOH . ? A HOH 216 ? 1_555 176.2 ? 
4  O ? E HOH . ? A HOH 212 ? 1_555 MG ? D MG . ? A MG 102 ? 1_555 O ? E HOH . ? A HOH 217 ? 3_645 87.9  ? 
5  O ? E HOH . ? A HOH 214 ? 3_645 MG ? D MG . ? A MG 102 ? 1_555 O ? E HOH . ? A HOH 217 ? 3_645 91.4  ? 
6  O ? E HOH . ? A HOH 216 ? 1_555 MG ? D MG . ? A MG 102 ? 1_555 O ? E HOH . ? A HOH 217 ? 3_645 91.2  ? 
7  O ? E HOH . ? A HOH 212 ? 1_555 MG ? D MG . ? A MG 102 ? 1_555 O ? E HOH . ? A HOH 225 ? 1_555 88.0  ? 
8  O ? E HOH . ? A HOH 214 ? 3_645 MG ? D MG . ? A MG 102 ? 1_555 O ? E HOH . ? A HOH 225 ? 1_555 90.2  ? 
9  O ? E HOH . ? A HOH 216 ? 1_555 MG ? D MG . ? A MG 102 ? 1_555 O ? E HOH . ? A HOH 225 ? 1_555 87.4  ? 
10 O ? E HOH . ? A HOH 217 ? 3_645 MG ? D MG . ? A MG 102 ? 1_555 O ? E HOH . ? A HOH 225 ? 1_555 175.6 ? 
11 O ? E HOH . ? A HOH 212 ? 1_555 MG ? D MG . ? A MG 102 ? 1_555 O ? F HOH . ? B HOH 116 ? 3_645 177.9 ? 
12 O ? E HOH . ? A HOH 214 ? 3_645 MG ? D MG . ? A MG 102 ? 1_555 O ? F HOH . ? B HOH 116 ? 3_645 89.2  ? 
13 O ? E HOH . ? A HOH 216 ? 1_555 MG ? D MG . ? A MG 102 ? 1_555 O ? F HOH . ? B HOH 116 ? 3_645 87.9  ? 
14 O ? E HOH . ? A HOH 217 ? 3_645 MG ? D MG . ? A MG 102 ? 1_555 O ? F HOH . ? B HOH 116 ? 3_645 94.1  ? 
15 O ? E HOH . ? A HOH 225 ? 1_555 MG ? D MG . ? A MG 102 ? 1_555 O ? F HOH . ? B HOH 116 ? 3_645 90.0  ? 
# 
loop_
_pdbx_audit_revision_history.ordinal 
_pdbx_audit_revision_history.data_content_type 
_pdbx_audit_revision_history.major_revision 
_pdbx_audit_revision_history.minor_revision 
_pdbx_audit_revision_history.revision_date 
1 'Structure model' 1 0 2021-12-01 
2 'Structure model' 1 1 2022-06-15 
3 'Structure model' 1 2 2023-10-18 
# 
_pdbx_audit_revision_details.ordinal             1 
_pdbx_audit_revision_details.revision_ordinal    1 
_pdbx_audit_revision_details.data_content_type   'Structure model' 
_pdbx_audit_revision_details.provider            repository 
_pdbx_audit_revision_details.type                'Initial release' 
_pdbx_audit_revision_details.description         ? 
_pdbx_audit_revision_details.details             ? 
# 
loop_
_pdbx_audit_revision_group.ordinal 
_pdbx_audit_revision_group.revision_ordinal 
_pdbx_audit_revision_group.data_content_type 
_pdbx_audit_revision_group.group 
1 2 'Structure model' 'Database references'    
2 3 'Structure model' 'Data collection'        
3 3 'Structure model' 'Refinement description' 
# 
loop_
_pdbx_audit_revision_category.ordinal 
_pdbx_audit_revision_category.revision_ordinal 
_pdbx_audit_revision_category.data_content_type 
_pdbx_audit_revision_category.category 
1 2 'Structure model' citation                      
2 2 'Structure model' citation_author               
3 3 'Structure model' chem_comp_atom                
4 3 'Structure model' chem_comp_bond                
5 3 'Structure model' pdbx_initial_refinement_model 
# 
loop_
_pdbx_audit_revision_item.ordinal 
_pdbx_audit_revision_item.revision_ordinal 
_pdbx_audit_revision_item.data_content_type 
_pdbx_audit_revision_item.item 
1  2 'Structure model' '_citation.country'                 
2  2 'Structure model' '_citation.journal_abbrev'          
3  2 'Structure model' '_citation.journal_id_ASTM'         
4  2 'Structure model' '_citation.journal_id_CSD'          
5  2 'Structure model' '_citation.journal_id_ISSN'         
6  2 'Structure model' '_citation.journal_volume'          
7  2 'Structure model' '_citation.page_first'              
8  2 'Structure model' '_citation.page_last'               
9  2 'Structure model' '_citation.pdbx_database_id_DOI'    
10 2 'Structure model' '_citation.pdbx_database_id_PubMed' 
11 2 'Structure model' '_citation.title'                   
12 2 'Structure model' '_citation.year'                    
# 
loop_
_software.citation_id 
_software.classification 
_software.compiler_name 
_software.compiler_version 
_software.contact_author 
_software.contact_author_email 
_software.date 
_software.description 
_software.dependencies 
_software.hardware 
_software.language 
_software.location 
_software.mods 
_software.name 
_software.os 
_software.os_version 
_software.type 
_software.version 
_software.pdbx_ordinal 
? 'data scaling'    ? ? ? ? ? ? ? ? ? ? ? HKL-2000    ? ? ? v721     1 
? refinement        ? ? ? ? ? ? ? ? ? ? ? REFMAC      ? ? ? 5.8.0267 2 
? 'data extraction' ? ? ? ? ? ? ? ? ? ? ? PDB_EXTRACT ? ? ? 3.27     3 
? 'data reduction'  ? ? ? ? ? ? ? ? ? ? ? HKL-2000    ? ? ? v721     4 
? phasing           ? ? ? ? ? ? ? ? ? ? ? PHASER      ? ? ? .        5 
# 
_pdbx_entry_details.entry_id                 7KU4 
_pdbx_entry_details.has_ligand_of_interest   Y 
_pdbx_entry_details.compound_details         ? 
_pdbx_entry_details.source_details           ? 
_pdbx_entry_details.nonpolymer_details       ? 
_pdbx_entry_details.sequence_details         ? 
# 
_pdbx_validate_close_contact.id               1 
_pdbx_validate_close_contact.PDB_model_num    1 
_pdbx_validate_close_contact.auth_atom_id_1   OP2 
_pdbx_validate_close_contact.auth_asym_id_1   B 
_pdbx_validate_close_contact.auth_comp_id_1   DA 
_pdbx_validate_close_contact.auth_seq_id_1    18 
_pdbx_validate_close_contact.PDB_ins_code_1   ? 
_pdbx_validate_close_contact.label_alt_id_1   ? 
_pdbx_validate_close_contact.auth_atom_id_2   O 
_pdbx_validate_close_contact.auth_asym_id_2   B 
_pdbx_validate_close_contact.auth_comp_id_2   HOH 
_pdbx_validate_close_contact.auth_seq_id_2    101 
_pdbx_validate_close_contact.PDB_ins_code_2   ? 
_pdbx_validate_close_contact.label_alt_id_2   ? 
_pdbx_validate_close_contact.dist             1.85 
# 
loop_
_pdbx_validate_rmsd_angle.id 
_pdbx_validate_rmsd_angle.PDB_model_num 
_pdbx_validate_rmsd_angle.auth_atom_id_1 
_pdbx_validate_rmsd_angle.auth_asym_id_1 
_pdbx_validate_rmsd_angle.auth_comp_id_1 
_pdbx_validate_rmsd_angle.auth_seq_id_1 
_pdbx_validate_rmsd_angle.PDB_ins_code_1 
_pdbx_validate_rmsd_angle.label_alt_id_1 
_pdbx_validate_rmsd_angle.auth_atom_id_2 
_pdbx_validate_rmsd_angle.auth_asym_id_2 
_pdbx_validate_rmsd_angle.auth_comp_id_2 
_pdbx_validate_rmsd_angle.auth_seq_id_2 
_pdbx_validate_rmsd_angle.PDB_ins_code_2 
_pdbx_validate_rmsd_angle.label_alt_id_2 
_pdbx_validate_rmsd_angle.auth_atom_id_3 
_pdbx_validate_rmsd_angle.auth_asym_id_3 
_pdbx_validate_rmsd_angle.auth_comp_id_3 
_pdbx_validate_rmsd_angle.auth_seq_id_3 
_pdbx_validate_rmsd_angle.PDB_ins_code_3 
_pdbx_validate_rmsd_angle.label_alt_id_3 
_pdbx_validate_rmsd_angle.angle_value 
_pdbx_validate_rmsd_angle.angle_target_value 
_pdbx_validate_rmsd_angle.angle_deviation 
_pdbx_validate_rmsd_angle.angle_standard_deviation 
_pdbx_validate_rmsd_angle.linker_flag 
1 1 "O5'" A DG 10 ? ? P A DG 10 ? ? OP2 A DG 10 ? ? 97.09 105.70 -8.61 0.90 N 
2 1 "O5'" A DG 12 ? ? P A DG 12 ? ? OP2 A DG 12 ? ? 99.36 105.70 -6.34 0.90 N 
# 
loop_
_chem_comp_atom.comp_id 
_chem_comp_atom.atom_id 
_chem_comp_atom.type_symbol 
_chem_comp_atom.pdbx_aromatic_flag 
_chem_comp_atom.pdbx_stereo_config 
_chem_comp_atom.pdbx_ordinal 
D1B C1     C  Y N 1   
D1B S2     S  Y N 2   
D1B C3     C  Y N 3   
D1B C4     C  Y N 4   
D1B C5     C  Y N 5   
D1B C6     C  Y N 6   
D1B N7     N  Y N 7   
D1B C8     C  Y N 8   
D1B C9     C  Y N 9   
D1B N10    N  Y N 10  
D1B C11    C  Y N 11  
D1B C12    C  Y N 12  
D1B C13    C  Y N 13  
D1B C14    C  Y N 14  
D1B C15    C  Y N 15  
D1B C16    C  Y N 16  
D1B C17    C  Y N 17  
D1B C18    C  Y N 18  
D1B C19    C  Y N 19  
D1B C20    C  Y N 20  
D1B C21    C  N N 21  
D1B N22    N  N N 22  
D1B N23    N  N N 23  
D1B C24    C  N N 24  
D1B N25    N  N N 25  
D1B N26    N  N N 26  
D1B H4     H  N N 27  
D1B H5     H  N N 28  
D1B H10    H  N N 29  
D1B H11    H  N N 30  
D1B H12    H  N N 31  
D1B H14    H  N N 32  
D1B H16    H  N N 33  
D1B H17    H  N N 34  
D1B H19    H  N N 35  
D1B H20    H  N N 36  
D1B H221   H  N N 37  
D1B H222   H  N N 38  
D1B H23    H  N N 39  
D1B H25    H  N N 40  
D1B H261   H  N N 41  
D1B H262   H  N N 42  
DA  OP3    O  N N 43  
DA  P      P  N N 44  
DA  OP1    O  N N 45  
DA  OP2    O  N N 46  
DA  "O5'"  O  N N 47  
DA  "C5'"  C  N N 48  
DA  "C4'"  C  N R 49  
DA  "O4'"  O  N N 50  
DA  "C3'"  C  N S 51  
DA  "O3'"  O  N N 52  
DA  "C2'"  C  N N 53  
DA  "C1'"  C  N R 54  
DA  N9     N  Y N 55  
DA  C8     C  Y N 56  
DA  N7     N  Y N 57  
DA  C5     C  Y N 58  
DA  C6     C  Y N 59  
DA  N6     N  N N 60  
DA  N1     N  Y N 61  
DA  C2     C  Y N 62  
DA  N3     N  Y N 63  
DA  C4     C  Y N 64  
DA  HOP3   H  N N 65  
DA  HOP2   H  N N 66  
DA  "H5'"  H  N N 67  
DA  "H5''" H  N N 68  
DA  "H4'"  H  N N 69  
DA  "H3'"  H  N N 70  
DA  "HO3'" H  N N 71  
DA  "H2'"  H  N N 72  
DA  "H2''" H  N N 73  
DA  "H1'"  H  N N 74  
DA  H8     H  N N 75  
DA  H61    H  N N 76  
DA  H62    H  N N 77  
DA  H2     H  N N 78  
DC  OP3    O  N N 79  
DC  P      P  N N 80  
DC  OP1    O  N N 81  
DC  OP2    O  N N 82  
DC  "O5'"  O  N N 83  
DC  "C5'"  C  N N 84  
DC  "C4'"  C  N R 85  
DC  "O4'"  O  N N 86  
DC  "C3'"  C  N S 87  
DC  "O3'"  O  N N 88  
DC  "C2'"  C  N N 89  
DC  "C1'"  C  N R 90  
DC  N1     N  N N 91  
DC  C2     C  N N 92  
DC  O2     O  N N 93  
DC  N3     N  N N 94  
DC  C4     C  N N 95  
DC  N4     N  N N 96  
DC  C5     C  N N 97  
DC  C6     C  N N 98  
DC  HOP3   H  N N 99  
DC  HOP2   H  N N 100 
DC  "H5'"  H  N N 101 
DC  "H5''" H  N N 102 
DC  "H4'"  H  N N 103 
DC  "H3'"  H  N N 104 
DC  "HO3'" H  N N 105 
DC  "H2'"  H  N N 106 
DC  "H2''" H  N N 107 
DC  "H1'"  H  N N 108 
DC  H41    H  N N 109 
DC  H42    H  N N 110 
DC  H5     H  N N 111 
DC  H6     H  N N 112 
DG  OP3    O  N N 113 
DG  P      P  N N 114 
DG  OP1    O  N N 115 
DG  OP2    O  N N 116 
DG  "O5'"  O  N N 117 
DG  "C5'"  C  N N 118 
DG  "C4'"  C  N R 119 
DG  "O4'"  O  N N 120 
DG  "C3'"  C  N S 121 
DG  "O3'"  O  N N 122 
DG  "C2'"  C  N N 123 
DG  "C1'"  C  N R 124 
DG  N9     N  Y N 125 
DG  C8     C  Y N 126 
DG  N7     N  Y N 127 
DG  C5     C  Y N 128 
DG  C6     C  N N 129 
DG  O6     O  N N 130 
DG  N1     N  N N 131 
DG  C2     C  N N 132 
DG  N2     N  N N 133 
DG  N3     N  N N 134 
DG  C4     C  Y N 135 
DG  HOP3   H  N N 136 
DG  HOP2   H  N N 137 
DG  "H5'"  H  N N 138 
DG  "H5''" H  N N 139 
DG  "H4'"  H  N N 140 
DG  "H3'"  H  N N 141 
DG  "HO3'" H  N N 142 
DG  "H2'"  H  N N 143 
DG  "H2''" H  N N 144 
DG  "H1'"  H  N N 145 
DG  H8     H  N N 146 
DG  H1     H  N N 147 
DG  H21    H  N N 148 
DG  H22    H  N N 149 
DT  OP3    O  N N 150 
DT  P      P  N N 151 
DT  OP1    O  N N 152 
DT  OP2    O  N N 153 
DT  "O5'"  O  N N 154 
DT  "C5'"  C  N N 155 
DT  "C4'"  C  N R 156 
DT  "O4'"  O  N N 157 
DT  "C3'"  C  N S 158 
DT  "O3'"  O  N N 159 
DT  "C2'"  C  N N 160 
DT  "C1'"  C  N R 161 
DT  N1     N  N N 162 
DT  C2     C  N N 163 
DT  O2     O  N N 164 
DT  N3     N  N N 165 
DT  C4     C  N N 166 
DT  O4     O  N N 167 
DT  C5     C  N N 168 
DT  C7     C  N N 169 
DT  C6     C  N N 170 
DT  HOP3   H  N N 171 
DT  HOP2   H  N N 172 
DT  "H5'"  H  N N 173 
DT  "H5''" H  N N 174 
DT  "H4'"  H  N N 175 
DT  "H3'"  H  N N 176 
DT  "HO3'" H  N N 177 
DT  "H2'"  H  N N 178 
DT  "H2''" H  N N 179 
DT  "H1'"  H  N N 180 
DT  H3     H  N N 181 
DT  H71    H  N N 182 
DT  H72    H  N N 183 
DT  H73    H  N N 184 
DT  H6     H  N N 185 
HOH O      O  N N 186 
HOH H1     H  N N 187 
HOH H2     H  N N 188 
MG  MG     MG N N 189 
# 
loop_
_chem_comp_bond.comp_id 
_chem_comp_bond.atom_id_1 
_chem_comp_bond.atom_id_2 
_chem_comp_bond.value_order 
_chem_comp_bond.pdbx_aromatic_flag 
_chem_comp_bond.pdbx_stereo_config 
_chem_comp_bond.pdbx_ordinal 
D1B C1    S2     sing Y N 1   
D1B C1    C5     doub Y N 2   
D1B C1    C15    sing Y N 3   
D1B S2    C3     sing Y N 4   
D1B C3    C4     doub Y N 5   
D1B C3    C6     sing Y N 6   
D1B C4    C5     sing Y N 7   
D1B C4    H4     sing N N 8   
D1B C5    H5     sing N N 9   
D1B C6    N7     doub Y N 10  
D1B C6    N10    sing Y N 11  
D1B N7    C8     sing Y N 12  
D1B C8    C9     doub Y N 13  
D1B C8    C11    sing Y N 14  
D1B C9    N10    sing Y N 15  
D1B C9    C14    sing Y N 16  
D1B N10   H10    sing N N 17  
D1B C11   C12    doub Y N 18  
D1B C11   H11    sing N N 19  
D1B C12   C13    sing Y N 20  
D1B C12   H12    sing N N 21  
D1B C13   C14    doub Y N 22  
D1B C13   C21    sing N N 23  
D1B C14   H14    sing N N 24  
D1B C15   C16    sing Y N 25  
D1B C15   C20    doub Y N 26  
D1B C16   C17    doub Y N 27  
D1B C16   H16    sing N N 28  
D1B C17   C18    sing Y N 29  
D1B C17   H17    sing N N 30  
D1B C18   C19    doub Y N 31  
D1B C18   C24    sing N N 32  
D1B C19   C20    sing Y N 33  
D1B C19   H19    sing N N 34  
D1B C20   H20    sing N N 35  
D1B C21   N22    sing N N 36  
D1B C21   N23    doub N Z 37  
D1B N22   H221   sing N N 38  
D1B N22   H222   sing N N 39  
D1B N23   H23    sing N N 40  
D1B C24   N25    doub N N 41  
D1B C24   N26    sing N N 42  
D1B N25   H25    sing N N 43  
D1B N26   H261   sing N N 44  
D1B N26   H262   sing N N 45  
DA  OP3   P      sing N N 46  
DA  OP3   HOP3   sing N N 47  
DA  P     OP1    doub N N 48  
DA  P     OP2    sing N N 49  
DA  P     "O5'"  sing N N 50  
DA  OP2   HOP2   sing N N 51  
DA  "O5'" "C5'"  sing N N 52  
DA  "C5'" "C4'"  sing N N 53  
DA  "C5'" "H5'"  sing N N 54  
DA  "C5'" "H5''" sing N N 55  
DA  "C4'" "O4'"  sing N N 56  
DA  "C4'" "C3'"  sing N N 57  
DA  "C4'" "H4'"  sing N N 58  
DA  "O4'" "C1'"  sing N N 59  
DA  "C3'" "O3'"  sing N N 60  
DA  "C3'" "C2'"  sing N N 61  
DA  "C3'" "H3'"  sing N N 62  
DA  "O3'" "HO3'" sing N N 63  
DA  "C2'" "C1'"  sing N N 64  
DA  "C2'" "H2'"  sing N N 65  
DA  "C2'" "H2''" sing N N 66  
DA  "C1'" N9     sing N N 67  
DA  "C1'" "H1'"  sing N N 68  
DA  N9    C8     sing Y N 69  
DA  N9    C4     sing Y N 70  
DA  C8    N7     doub Y N 71  
DA  C8    H8     sing N N 72  
DA  N7    C5     sing Y N 73  
DA  C5    C6     sing Y N 74  
DA  C5    C4     doub Y N 75  
DA  C6    N6     sing N N 76  
DA  C6    N1     doub Y N 77  
DA  N6    H61    sing N N 78  
DA  N6    H62    sing N N 79  
DA  N1    C2     sing Y N 80  
DA  C2    N3     doub Y N 81  
DA  C2    H2     sing N N 82  
DA  N3    C4     sing Y N 83  
DC  OP3   P      sing N N 84  
DC  OP3   HOP3   sing N N 85  
DC  P     OP1    doub N N 86  
DC  P     OP2    sing N N 87  
DC  P     "O5'"  sing N N 88  
DC  OP2   HOP2   sing N N 89  
DC  "O5'" "C5'"  sing N N 90  
DC  "C5'" "C4'"  sing N N 91  
DC  "C5'" "H5'"  sing N N 92  
DC  "C5'" "H5''" sing N N 93  
DC  "C4'" "O4'"  sing N N 94  
DC  "C4'" "C3'"  sing N N 95  
DC  "C4'" "H4'"  sing N N 96  
DC  "O4'" "C1'"  sing N N 97  
DC  "C3'" "O3'"  sing N N 98  
DC  "C3'" "C2'"  sing N N 99  
DC  "C3'" "H3'"  sing N N 100 
DC  "O3'" "HO3'" sing N N 101 
DC  "C2'" "C1'"  sing N N 102 
DC  "C2'" "H2'"  sing N N 103 
DC  "C2'" "H2''" sing N N 104 
DC  "C1'" N1     sing N N 105 
DC  "C1'" "H1'"  sing N N 106 
DC  N1    C2     sing N N 107 
DC  N1    C6     sing N N 108 
DC  C2    O2     doub N N 109 
DC  C2    N3     sing N N 110 
DC  N3    C4     doub N N 111 
DC  C4    N4     sing N N 112 
DC  C4    C5     sing N N 113 
DC  N4    H41    sing N N 114 
DC  N4    H42    sing N N 115 
DC  C5    C6     doub N N 116 
DC  C5    H5     sing N N 117 
DC  C6    H6     sing N N 118 
DG  OP3   P      sing N N 119 
DG  OP3   HOP3   sing N N 120 
DG  P     OP1    doub N N 121 
DG  P     OP2    sing N N 122 
DG  P     "O5'"  sing N N 123 
DG  OP2   HOP2   sing N N 124 
DG  "O5'" "C5'"  sing N N 125 
DG  "C5'" "C4'"  sing N N 126 
DG  "C5'" "H5'"  sing N N 127 
DG  "C5'" "H5''" sing N N 128 
DG  "C4'" "O4'"  sing N N 129 
DG  "C4'" "C3'"  sing N N 130 
DG  "C4'" "H4'"  sing N N 131 
DG  "O4'" "C1'"  sing N N 132 
DG  "C3'" "O3'"  sing N N 133 
DG  "C3'" "C2'"  sing N N 134 
DG  "C3'" "H3'"  sing N N 135 
DG  "O3'" "HO3'" sing N N 136 
DG  "C2'" "C1'"  sing N N 137 
DG  "C2'" "H2'"  sing N N 138 
DG  "C2'" "H2''" sing N N 139 
DG  "C1'" N9     sing N N 140 
DG  "C1'" "H1'"  sing N N 141 
DG  N9    C8     sing Y N 142 
DG  N9    C4     sing Y N 143 
DG  C8    N7     doub Y N 144 
DG  C8    H8     sing N N 145 
DG  N7    C5     sing Y N 146 
DG  C5    C6     sing N N 147 
DG  C5    C4     doub Y N 148 
DG  C6    O6     doub N N 149 
DG  C6    N1     sing N N 150 
DG  N1    C2     sing N N 151 
DG  N1    H1     sing N N 152 
DG  C2    N2     sing N N 153 
DG  C2    N3     doub N N 154 
DG  N2    H21    sing N N 155 
DG  N2    H22    sing N N 156 
DG  N3    C4     sing N N 157 
DT  OP3   P      sing N N 158 
DT  OP3   HOP3   sing N N 159 
DT  P     OP1    doub N N 160 
DT  P     OP2    sing N N 161 
DT  P     "O5'"  sing N N 162 
DT  OP2   HOP2   sing N N 163 
DT  "O5'" "C5'"  sing N N 164 
DT  "C5'" "C4'"  sing N N 165 
DT  "C5'" "H5'"  sing N N 166 
DT  "C5'" "H5''" sing N N 167 
DT  "C4'" "O4'"  sing N N 168 
DT  "C4'" "C3'"  sing N N 169 
DT  "C4'" "H4'"  sing N N 170 
DT  "O4'" "C1'"  sing N N 171 
DT  "C3'" "O3'"  sing N N 172 
DT  "C3'" "C2'"  sing N N 173 
DT  "C3'" "H3'"  sing N N 174 
DT  "O3'" "HO3'" sing N N 175 
DT  "C2'" "C1'"  sing N N 176 
DT  "C2'" "H2'"  sing N N 177 
DT  "C2'" "H2''" sing N N 178 
DT  "C1'" N1     sing N N 179 
DT  "C1'" "H1'"  sing N N 180 
DT  N1    C2     sing N N 181 
DT  N1    C6     sing N N 182 
DT  C2    O2     doub N N 183 
DT  C2    N3     sing N N 184 
DT  N3    C4     sing N N 185 
DT  N3    H3     sing N N 186 
DT  C4    O4     doub N N 187 
DT  C4    C5     sing N N 188 
DT  C5    C7     sing N N 189 
DT  C5    C6     doub N N 190 
DT  C7    H71    sing N N 191 
DT  C7    H72    sing N N 192 
DT  C7    H73    sing N N 193 
DT  C6    H6     sing N N 194 
HOH O     H1     sing N N 195 
HOH O     H2     sing N N 196 
# 
_ndb_struct_conf_na.entry_id   7KU4 
_ndb_struct_conf_na.feature    'b-form double helix' 
# 
loop_
_ndb_struct_na_base_pair.model_number 
_ndb_struct_na_base_pair.i_label_asym_id 
_ndb_struct_na_base_pair.i_label_comp_id 
_ndb_struct_na_base_pair.i_label_seq_id 
_ndb_struct_na_base_pair.i_symmetry 
_ndb_struct_na_base_pair.j_label_asym_id 
_ndb_struct_na_base_pair.j_label_comp_id 
_ndb_struct_na_base_pair.j_label_seq_id 
_ndb_struct_na_base_pair.j_symmetry 
_ndb_struct_na_base_pair.shear 
_ndb_struct_na_base_pair.stretch 
_ndb_struct_na_base_pair.stagger 
_ndb_struct_na_base_pair.buckle 
_ndb_struct_na_base_pair.propeller 
_ndb_struct_na_base_pair.opening 
_ndb_struct_na_base_pair.pair_number 
_ndb_struct_na_base_pair.pair_name 
_ndb_struct_na_base_pair.i_auth_asym_id 
_ndb_struct_na_base_pair.i_auth_seq_id 
_ndb_struct_na_base_pair.i_PDB_ins_code 
_ndb_struct_na_base_pair.j_auth_asym_id 
_ndb_struct_na_base_pair.j_auth_seq_id 
_ndb_struct_na_base_pair.j_PDB_ins_code 
_ndb_struct_na_base_pair.hbond_type_28 
_ndb_struct_na_base_pair.hbond_type_12 
1 A DC 1  1_555 B DG 12 1_555 0.230  -0.196 0.088  4.056  -14.207 -0.923 1  A_DC1:DG24_B  A 1  ? B 24 ? 19 1 
1 A DG 2  1_555 B DC 11 1_555 -0.289 -0.238 0.403  8.201  -10.800 -2.269 2  A_DG2:DC23_B  A 2  ? B 23 ? 19 1 
1 A DC 3  1_555 B DG 10 1_555 0.143  -0.183 0.197  -3.067 -7.274  -0.510 3  A_DC3:DG22_B  A 3  ? B 22 ? 19 1 
1 A DG 4  1_555 B DC 9  1_555 -0.256 -0.162 -0.163 7.322  -9.805  -0.529 4  A_DG4:DC21_B  A 4  ? B 21 ? 19 1 
1 A DA 5  1_555 B DT 8  1_555 -0.008 -0.097 -0.026 5.932  -15.593 3.570  5  A_DA5:DT20_B  A 5  ? B 20 ? 20 1 
1 A DA 6  1_555 B DT 7  1_555 -0.008 -0.123 -0.052 -2.345 -16.501 5.048  6  A_DA6:DT19_B  A 6  ? B 19 ? 20 1 
1 A DT 7  1_555 B DA 6  1_555 -0.008 -0.172 0.007  0.605  -18.674 5.339  7  A_DT7:DA18_B  A 7  ? B 18 ? 20 1 
1 A DT 8  1_555 B DA 5  1_555 -0.073 -0.199 -0.189 1.286  -13.948 3.963  8  A_DT8:DA17_B  A 8  ? B 17 ? 20 1 
1 A DC 9  1_555 B DG 4  1_555 0.197  -0.148 -0.166 -6.500 -12.061 -2.127 9  A_DC9:DG16_B  A 9  ? B 16 ? 19 1 
1 A DG 10 1_555 B DC 3  1_555 -0.127 -0.193 0.231  6.229  -8.980  1.761  10 A_DG10:DC15_B A 10 ? B 15 ? 19 1 
1 A DC 11 1_555 B DG 2  1_555 0.083  -0.210 0.166  4.110  -18.859 -2.604 11 A_DC11:DG14_B A 11 ? B 14 ? 19 1 
1 A DG 12 1_555 B DC 1  1_555 -0.126 -0.103 0.355  4.155  -6.651  -2.248 12 A_DG12:DC13_B A 12 ? B 13 ? 19 1 
# 
loop_
_ndb_struct_na_base_pair_step.model_number 
_ndb_struct_na_base_pair_step.i_label_asym_id_1 
_ndb_struct_na_base_pair_step.i_label_comp_id_1 
_ndb_struct_na_base_pair_step.i_label_seq_id_1 
_ndb_struct_na_base_pair_step.i_symmetry_1 
_ndb_struct_na_base_pair_step.j_label_asym_id_1 
_ndb_struct_na_base_pair_step.j_label_comp_id_1 
_ndb_struct_na_base_pair_step.j_label_seq_id_1 
_ndb_struct_na_base_pair_step.j_symmetry_1 
_ndb_struct_na_base_pair_step.i_label_asym_id_2 
_ndb_struct_na_base_pair_step.i_label_comp_id_2 
_ndb_struct_na_base_pair_step.i_label_seq_id_2 
_ndb_struct_na_base_pair_step.i_symmetry_2 
_ndb_struct_na_base_pair_step.j_label_asym_id_2 
_ndb_struct_na_base_pair_step.j_label_comp_id_2 
_ndb_struct_na_base_pair_step.j_label_seq_id_2 
_ndb_struct_na_base_pair_step.j_symmetry_2 
_ndb_struct_na_base_pair_step.shift 
_ndb_struct_na_base_pair_step.slide 
_ndb_struct_na_base_pair_step.rise 
_ndb_struct_na_base_pair_step.tilt 
_ndb_struct_na_base_pair_step.roll 
_ndb_struct_na_base_pair_step.twist 
_ndb_struct_na_base_pair_step.x_displacement 
_ndb_struct_na_base_pair_step.y_displacement 
_ndb_struct_na_base_pair_step.helical_rise 
_ndb_struct_na_base_pair_step.inclination 
_ndb_struct_na_base_pair_step.tip 
_ndb_struct_na_base_pair_step.helical_twist 
_ndb_struct_na_base_pair_step.step_number 
_ndb_struct_na_base_pair_step.step_name 
_ndb_struct_na_base_pair_step.i_auth_asym_id_1 
_ndb_struct_na_base_pair_step.i_auth_seq_id_1 
_ndb_struct_na_base_pair_step.i_PDB_ins_code_1 
_ndb_struct_na_base_pair_step.j_auth_asym_id_1 
_ndb_struct_na_base_pair_step.j_auth_seq_id_1 
_ndb_struct_na_base_pair_step.j_PDB_ins_code_1 
_ndb_struct_na_base_pair_step.i_auth_asym_id_2 
_ndb_struct_na_base_pair_step.i_auth_seq_id_2 
_ndb_struct_na_base_pair_step.i_PDB_ins_code_2 
_ndb_struct_na_base_pair_step.j_auth_asym_id_2 
_ndb_struct_na_base_pair_step.j_auth_seq_id_2 
_ndb_struct_na_base_pair_step.j_PDB_ins_code_2 
1 A DC 1  1_555 B DG 12 1_555 A DG 2  1_555 B DC 11 1_555 -0.023 0.026  3.143 -2.675 6.461  33.276 -0.950 -0.372 3.086 11.130  
4.608  33.983 1  AA_DC1DG2:DC23DG24_BB   A 1  ? B 24 ? A 2  ? B 23 ? 
1 A DG 2  1_555 B DC 11 1_555 A DC 3  1_555 B DG 10 1_555 0.518  0.514  3.611 2.307  -6.259 43.641 1.328  -0.452 3.530 -8.360  
-3.082 44.123 2  AA_DG2DC3:DG22DC23_BB   A 2  ? B 23 ? A 3  ? B 22 ? 
1 A DC 3  1_555 B DG 10 1_555 A DG 4  1_555 B DC 9  1_555 -0.290 0.741  3.125 3.291  10.406 26.348 -0.862 1.339  3.128 21.684  
-6.858 28.482 3  AA_DC3DG4:DC21DG22_BB   A 3  ? B 22 ? A 4  ? B 21 ? 
1 A DG 4  1_555 B DC 9  1_555 A DA 5  1_555 B DT 8  1_555 -0.052 -0.046 3.265 -1.570 2.715  37.336 -0.427 -0.125 3.254 4.231   
2.446  37.463 4  AA_DG4DA5:DT20DC21_BB   A 4  ? B 21 ? A 5  ? B 20 ? 
1 A DA 5  1_555 B DT 8  1_555 A DA 6  1_555 B DT 7  1_555 0.108  -0.257 3.424 -0.473 2.284  35.682 -0.762 -0.247 3.400 3.723   
0.771  35.756 5  AA_DA5DA6:DT19DT20_BB   A 5  ? B 20 ? A 6  ? B 19 ? 
1 A DA 6  1_555 B DT 7  1_555 A DT 7  1_555 B DA 6  1_555 0.098  -0.459 3.066 -0.257 -0.454 33.386 -0.728 -0.210 3.071 -0.790  
0.447  33.390 6  AA_DA6DT7:DA18DT19_BB   A 6  ? B 19 ? A 7  ? B 18 ? 
1 A DT 7  1_555 B DA 6  1_555 A DT 8  1_555 B DA 5  1_555 -0.203 -0.226 3.198 1.774  0.208  33.338 -0.426 0.639  3.181 0.363   
-3.089 33.385 7  AA_DT7DT8:DA17DA18_BB   A 7  ? B 18 ? A 8  ? B 17 ? 
1 A DT 8  1_555 B DA 5  1_555 A DC 9  1_555 B DG 4  1_555 -0.221 0.010  3.433 1.188  -1.316 41.401 0.162  0.445  3.424 -1.861  
-1.679 41.438 8  AA_DT8DC9:DG16DA17_BB   A 8  ? B 17 ? A 9  ? B 16 ? 
1 A DC 9  1_555 B DG 4  1_555 A DG 10 1_555 B DC 3  1_555 0.620  0.903  3.106 -3.930 5.492  26.396 0.593  -2.266 3.104 11.782  
8.431  27.232 9  AA_DC9DG10:DC15DG16_BB  A 9  ? B 16 ? A 10 ? B 15 ? 
1 A DG 10 1_555 B DC 3  1_555 A DC 11 1_555 B DG 2  1_555 -1.192 0.567  3.345 -2.472 -8.261 42.544 1.585  1.368  3.246 -11.247 
3.365  43.370 10 AA_DG10DC11:DG14DC15_BB A 10 ? B 15 ? A 11 ? B 14 ? 
1 A DC 11 1_555 B DG 2  1_555 A DG 12 1_555 B DC 1  1_555 0.018  0.349  3.278 -1.809 4.886  33.325 -0.200 -0.328 3.289 8.456   
3.130  33.719 11 AA_DC11DG12:DC13DG14_BB A 11 ? B 14 ? A 12 ? B 13 ? 
# 
_pdbx_audit_support.funding_organization   
'National Institutes of Health/National Institute of General Medical Sciences (NIH/NIGMS)' 
_pdbx_audit_support.country                'United States' 
_pdbx_audit_support.grant_number           GM111749 
_pdbx_audit_support.ordinal                1 
# 
_pdbx_entity_instance_feature.ordinal        1 
_pdbx_entity_instance_feature.comp_id        D1B 
_pdbx_entity_instance_feature.asym_id        ? 
_pdbx_entity_instance_feature.seq_num        ? 
_pdbx_entity_instance_feature.auth_comp_id   D1B 
_pdbx_entity_instance_feature.auth_asym_id   ? 
_pdbx_entity_instance_feature.auth_seq_num   ? 
_pdbx_entity_instance_feature.feature_type   'SUBJECT OF INVESTIGATION' 
_pdbx_entity_instance_feature.details        ? 
# 
loop_
_pdbx_entity_nonpoly.entity_id 
_pdbx_entity_nonpoly.name 
_pdbx_entity_nonpoly.comp_id 
2 '2-(5-{4-[AMINO(IMINO)METHYL]PHENYL}-2-THIENYL)-1H-BENZIMIDAZOLE-6- CARBOXIMIDAMIDE DIHYDROCHLORIDE' D1B 
3 'MAGNESIUM ION'                                                                                      MG  
4 water                                                                                                HOH 
# 
_pdbx_initial_refinement_model.id               1 
_pdbx_initial_refinement_model.entity_id_list   ? 
_pdbx_initial_refinement_model.type             'experimental model' 
_pdbx_initial_refinement_model.source_name      PDB 
_pdbx_initial_refinement_model.accession_code   1BNA 
_pdbx_initial_refinement_model.details          ? 
# 
_pdbx_struct_assembly_auth_evidence.id                     1 
_pdbx_struct_assembly_auth_evidence.assembly_id            1 
_pdbx_struct_assembly_auth_evidence.experimental_support   'surface plasmon resonance' 
_pdbx_struct_assembly_auth_evidence.details                ? 
# 
